data_3AYG
#
_entry.id   3AYG
#
_cell.length_a   110.516
_cell.length_b   149.089
_cell.length_c   151.590
_cell.angle_alpha   90.00
_cell.angle_beta   90.00
_cell.angle_gamma   90.00
#
_symmetry.space_group_name_H-M   'C 2 2 21'
#
loop_
_entity.id
_entity.type
_entity.pdbx_description
1 polymer 'Nitric oxide reductase'
2 non-polymer 'PROTOPORPHYRIN IX CONTAINING FE'
3 non-polymer 'ZINC ION'
4 non-polymer 'CALCIUM ION'
5 non-polymer 'octyl beta-D-glucopyranoside'
6 non-polymer '(1R)-2-{[(R)-(2-AMINOETHOXY)(HYDROXY)PHOSPHORYL]OXY}-1-[(DODECANOYLOXY)METHYL]ETHYL (9Z)-OCTADEC-9-ENOATE'
7 non-polymer '2-HEPTYL-4-HYDROXY QUINOLINE N-OXIDE'
8 water water
#
_entity_poly.entity_id   1
_entity_poly.type   'polypeptide(L)'
_entity_poly.pdbx_seq_one_letter_code
;MEVNRTVSPNIQTGRKTTNSFLKSILIFTILISSTVLLVGGYWIFKEMAPRPKEVRSESGEVLMTKETIIGGQAVFQKYG
LMDYGTVLGHGSYMGPDYTAEALKVYTEGMQDYKAKERYNKPFADLTDDEKSIIREQVIKEMRKNRYNPVTDVLVLTDAQ
VYGLEKVRDYYRDVFTNGDGWGLKKGLIKESDMPKANRAWVADSDQIQQIADFFFWTAWLSSTLRIGDEITYTNNWPYYE
DAGNTMSFSAVWWSGASVTILILFIGIILYVFYRYQLSMQEAYAEGKFPVIDLRRQPLTPSQVKAGKYFVVVSALFFVQT
MFGALLAHYYTEPDSFFGINWIYDILPFNIAKGYHLQLAIFWIATAWLGMGIFIAPLVGGQEPKKQGLLVDLLFWALVVL
VGGSMIGQWLGVNGYLGNEWFLLGHQGWEYIELGRIWQIILVVGMLLWLFIVFRGVKRGLKRESDKGGLIHLLFYSAIAV
PFFYIFAFFIQPDTNFTMADFWRWWIIHLWVEGIFEVFAVVVIGFLLVQLRLVTKKSTVRALYFQFTILLGSGVIGIGHH
YYYNGSPEVWIALGAVFSALEVIPLTLLILEAYEQYKMMRDGGANFPYKATFWFLISTAIWNLVGAGVFGFLINLPAVSY
FEHGQFLTPAHGHAAMMGVYGMFAIAVLLYSLRNIVKPEAWNDKWLKFSCWMLNIGLAGMVVITLLPVGILQMKEAFIHG
YWASRSPSFLQQDVVQNLLLVRAVPDTIFLIGVVALLVFAIKALFHLRKPTHGEGEELPVANHWMKDRLKNSLEHHHHHH
;
_entity_poly.pdbx_strand_id   A
#
loop_
_chem_comp.id
_chem_comp.type
_chem_comp.name
_chem_comp.formula
BOG D-saccharide 'octyl beta-D-glucopyranoside' 'C14 H28 O6'
CA non-polymer 'CALCIUM ION' 'Ca 2'
HEM non-polymer 'PROTOPORPHYRIN IX CONTAINING FE' 'C34 H32 Fe N4 O4'
HQO non-polymer '2-HEPTYL-4-HYDROXY QUINOLINE N-OXIDE' 'C16 H21 N O2'
LOP non-polymer '(1R)-2-{[(R)-(2-AMINOETHOXY)(HYDROXY)PHOSPHORYL]OXY}-1-[(DODECANOYLOXY)METHYL]ETHYL (9Z)-OCTADEC-9-ENOATE' 'C35 H68 N O8 P'
ZN non-polymer 'ZINC ION' 'Zn 2'
#
# COMPACT_ATOMS: atom_id res chain seq x y z
N THR A 17 26.93 28.24 -6.00
CA THR A 17 26.80 27.34 -4.82
C THR A 17 25.61 27.78 -3.97
N THR A 18 24.50 28.13 -4.60
CA THR A 18 23.32 28.62 -3.87
C THR A 18 22.80 27.88 -2.62
N ASN A 19 22.35 26.62 -2.71
CA ASN A 19 21.87 25.96 -1.49
C ASN A 19 22.74 24.74 -1.17
N SER A 20 24.05 24.98 -1.16
CA SER A 20 25.02 23.94 -0.93
C SER A 20 24.87 23.08 0.30
N PHE A 21 24.70 23.68 1.48
CA PHE A 21 24.59 22.84 2.66
C PHE A 21 23.33 21.98 2.60
N LEU A 22 22.21 22.58 2.23
CA LEU A 22 20.97 21.83 2.14
C LEU A 22 21.15 20.65 1.19
N LYS A 23 21.97 20.84 0.15
CA LYS A 23 22.23 19.78 -0.82
C LYS A 23 23.08 18.66 -0.23
N SER A 24 24.09 19.04 0.52
CA SER A 24 24.98 18.07 1.13
C SER A 24 24.11 17.21 2.01
N ILE A 25 23.33 17.88 2.86
CA ILE A 25 22.44 17.20 3.78
C ILE A 25 21.49 16.25 3.07
N LEU A 26 20.76 16.75 2.07
CA LEU A 26 19.82 15.88 1.37
C LEU A 26 20.57 14.70 0.73
N ILE A 27 21.62 14.99 -0.03
CA ILE A 27 22.40 13.91 -0.67
C ILE A 27 22.94 12.93 0.37
N PHE A 28 23.52 13.47 1.43
CA PHE A 28 24.05 12.59 2.47
C PHE A 28 22.92 11.75 3.07
N THR A 29 21.77 12.38 3.30
CA THR A 29 20.64 11.67 3.87
C THR A 29 20.24 10.52 2.96
N ILE A 30 20.06 10.80 1.69
CA ILE A 30 19.69 9.76 0.75
C ILE A 30 20.72 8.64 0.71
N LEU A 31 21.99 9.03 0.70
CA LEU A 31 23.07 8.08 0.65
C LEU A 31 23.13 7.14 1.84
N ILE A 32 23.17 7.71 3.04
CA ILE A 32 23.22 6.92 4.28
C ILE A 32 22.02 6.00 4.48
N SER A 33 20.83 6.54 4.30
CA SER A 33 19.62 5.75 4.48
C SER A 33 19.53 4.62 3.47
N SER A 34 19.85 4.89 2.21
CA SER A 34 19.81 3.86 1.19
C SER A 34 20.72 2.69 1.54
N THR A 35 21.87 3.00 2.14
CA THR A 35 22.81 1.96 2.53
C THR A 35 22.17 1.10 3.60
N VAL A 36 21.74 1.74 4.69
CA VAL A 36 21.10 1.01 5.79
C VAL A 36 20.01 0.07 5.25
N LEU A 37 19.14 0.58 4.38
CA LEU A 37 18.08 -0.24 3.82
C LEU A 37 18.70 -1.46 3.15
N LEU A 38 19.64 -1.23 2.22
CA LEU A 38 20.31 -2.32 1.50
C LEU A 38 21.02 -3.28 2.47
N VAL A 39 21.75 -2.74 3.44
CA VAL A 39 22.40 -3.62 4.39
C VAL A 39 21.34 -4.50 5.05
N GLY A 40 20.27 -3.88 5.56
CA GLY A 40 19.20 -4.63 6.20
C GLY A 40 18.49 -5.56 5.24
N GLY A 41 18.54 -5.19 3.96
CA GLY A 41 17.93 -6.03 2.94
C GLY A 41 18.77 -7.30 2.87
N TYR A 42 20.08 -7.12 2.96
CA TYR A 42 21.02 -8.23 2.91
C TYR A 42 20.89 -9.15 4.11
N TRP A 43 20.80 -8.56 5.31
CA TRP A 43 20.65 -9.35 6.52
C TRP A 43 19.39 -10.21 6.48
N ILE A 44 18.36 -9.71 5.80
CA ILE A 44 17.11 -10.45 5.68
C ILE A 44 17.35 -11.67 4.81
N PHE A 45 17.82 -11.42 3.60
CA PHE A 45 18.12 -12.50 2.65
C PHE A 45 18.96 -13.58 3.31
N LYS A 46 19.89 -13.14 4.14
CA LYS A 46 20.79 -14.03 4.85
C LYS A 46 20.25 -14.62 6.16
N GLU A 47 19.21 -14.03 6.74
CA GLU A 47 18.71 -14.56 8.01
C GLU A 47 17.26 -14.99 8.04
N MET A 48 16.57 -14.82 6.92
CA MET A 48 15.17 -15.22 6.79
C MET A 48 15.10 -16.74 6.92
N ALA A 49 13.91 -17.27 7.18
CA ALA A 49 13.77 -18.72 7.32
C ALA A 49 14.11 -19.40 5.99
N PRO A 50 14.76 -20.56 6.07
CA PRO A 50 15.16 -21.33 4.90
C PRO A 50 14.09 -22.23 4.33
N ARG A 51 14.29 -22.56 3.08
CA ARG A 51 13.40 -23.50 2.44
C ARG A 51 14.31 -24.63 2.08
N PRO A 52 14.34 -25.65 2.93
CA PRO A 52 15.16 -26.85 2.76
C PRO A 52 14.85 -27.59 1.45
N LYS A 53 15.87 -28.22 0.87
CA LYS A 53 15.69 -28.98 -0.38
C LYS A 53 14.78 -30.16 -0.08
N GLU A 54 14.89 -30.67 1.15
CA GLU A 54 14.07 -31.78 1.59
C GLU A 54 13.82 -31.71 3.09
N VAL A 55 12.56 -31.79 3.48
CA VAL A 55 12.20 -31.80 4.88
C VAL A 55 11.66 -33.22 5.00
N ARG A 56 12.02 -33.93 6.05
CA ARG A 56 11.56 -35.30 6.19
C ARG A 56 11.39 -35.85 7.59
N SER A 57 10.93 -37.09 7.65
CA SER A 57 10.68 -37.76 8.90
C SER A 57 11.91 -38.29 9.59
N GLU A 58 11.66 -38.87 10.76
CA GLU A 58 12.64 -39.48 11.63
C GLU A 58 13.16 -40.79 10.97
N SER A 59 12.38 -41.30 10.02
CA SER A 59 12.71 -42.52 9.27
C SER A 59 13.51 -42.11 8.04
N GLY A 60 13.60 -40.80 7.82
CA GLY A 60 14.32 -40.28 6.68
C GLY A 60 13.41 -40.05 5.49
N GLU A 61 12.11 -40.26 5.68
CA GLU A 61 11.13 -40.08 4.60
C GLU A 61 10.85 -38.62 4.26
N VAL A 62 11.16 -38.22 3.02
CA VAL A 62 10.93 -36.85 2.57
C VAL A 62 9.44 -36.59 2.32
N LEU A 63 8.95 -35.49 2.89
CA LEU A 63 7.54 -35.09 2.73
C LEU A 63 7.49 -33.79 1.95
N MET A 64 8.56 -33.01 2.07
CA MET A 64 8.65 -31.71 1.44
C MET A 64 9.98 -31.42 0.75
N THR A 65 9.90 -30.60 -0.29
CA THR A 65 11.06 -30.18 -1.05
C THR A 65 10.96 -28.66 -1.26
N LYS A 66 12.11 -27.99 -1.33
CA LYS A 66 12.13 -26.55 -1.55
C LYS A 66 11.21 -26.25 -2.74
N GLU A 67 11.13 -27.21 -3.66
CA GLU A 67 10.27 -27.07 -4.84
C GLU A 67 8.79 -27.15 -4.49
N THR A 68 8.43 -27.94 -3.47
CA THR A 68 7.02 -28.06 -3.06
C THR A 68 6.62 -26.71 -2.47
N ILE A 69 7.36 -26.28 -1.46
CA ILE A 69 7.13 -25.02 -0.79
C ILE A 69 6.95 -23.91 -1.83
N ILE A 70 7.87 -23.83 -2.79
CA ILE A 70 7.78 -22.81 -3.84
C ILE A 70 6.50 -22.96 -4.65
N GLY A 71 6.00 -24.18 -4.76
CA GLY A 71 4.79 -24.42 -5.52
C GLY A 71 3.55 -24.03 -4.73
N GLY A 72 3.50 -24.46 -3.47
CA GLY A 72 2.37 -24.12 -2.62
C GLY A 72 2.23 -22.62 -2.67
N GLN A 73 3.32 -21.92 -2.41
CA GLN A 73 3.30 -20.47 -2.46
C GLN A 73 2.76 -20.03 -3.82
N ALA A 74 3.23 -20.67 -4.87
CA ALA A 74 2.82 -20.32 -6.22
C ALA A 74 1.31 -20.43 -6.49
N VAL A 75 0.67 -21.48 -5.97
CA VAL A 75 -0.76 -21.64 -6.20
C VAL A 75 -1.53 -20.62 -5.36
N PHE A 76 -0.94 -20.25 -4.22
CA PHE A 76 -1.52 -19.27 -3.32
C PHE A 76 -1.58 -17.95 -4.06
N GLN A 77 -0.53 -17.64 -4.84
CA GLN A 77 -0.51 -16.41 -5.62
C GLN A 77 -1.43 -16.61 -6.81
N LYS A 78 -1.31 -17.77 -7.44
CA LYS A 78 -2.11 -18.12 -8.61
C LYS A 78 -3.59 -17.81 -8.38
N TYR A 79 -4.14 -18.26 -7.24
CA TYR A 79 -5.55 -18.05 -6.90
C TYR A 79 -5.84 -16.75 -6.12
N GLY A 80 -4.93 -15.78 -6.20
CA GLY A 80 -5.10 -14.52 -5.52
C GLY A 80 -5.70 -14.60 -4.13
N LEU A 81 -5.21 -15.53 -3.32
CA LEU A 81 -5.72 -15.69 -1.98
C LEU A 81 -5.21 -14.61 -1.04
N MET A 82 -4.22 -13.85 -1.49
CA MET A 82 -3.69 -12.77 -0.66
C MET A 82 -4.65 -11.59 -0.73
N ASP A 83 -5.67 -11.71 -1.58
CA ASP A 83 -6.68 -10.67 -1.70
C ASP A 83 -7.94 -11.13 -0.97
N TYR A 84 -7.77 -12.14 -0.13
CA TYR A 84 -8.86 -12.72 0.63
C TYR A 84 -8.47 -12.84 2.11
N GLY A 85 -7.35 -13.52 2.34
CA GLY A 85 -6.84 -13.71 3.68
C GLY A 85 -5.39 -13.23 3.71
N THR A 86 -4.65 -13.66 4.73
CA THR A 86 -3.25 -13.27 4.87
C THR A 86 -2.34 -14.46 5.16
N VAL A 87 -1.03 -14.22 5.11
CA VAL A 87 -0.03 -15.20 5.52
C VAL A 87 1.03 -14.28 6.19
N LEU A 88 1.43 -14.65 7.40
CA LEU A 88 2.38 -13.83 8.14
C LEU A 88 1.81 -12.41 8.34
N GLY A 89 0.48 -12.34 8.46
CA GLY A 89 -0.19 -11.06 8.72
C GLY A 89 -0.37 -10.09 7.57
N HIS A 90 0.15 -10.44 6.40
CA HIS A 90 0.01 -9.57 5.23
C HIS A 90 -1.03 -10.13 4.27
N GLY A 91 -1.90 -9.23 3.80
CA GLY A 91 -2.96 -9.65 2.89
C GLY A 91 -4.33 -9.11 3.27
N SER A 92 -5.39 -9.82 2.92
CA SER A 92 -6.73 -9.34 3.22
C SER A 92 -7.28 -9.92 4.51
N TYR A 93 -8.38 -9.35 5.00
CA TYR A 93 -8.93 -9.81 6.27
C TYR A 93 -10.28 -10.52 6.22
N MET A 94 -10.84 -10.69 5.04
CA MET A 94 -12.12 -11.39 4.87
C MET A 94 -11.88 -12.82 5.30
N GLY A 95 -10.78 -13.39 4.81
CA GLY A 95 -10.43 -14.76 5.16
C GLY A 95 -9.58 -14.78 6.42
N PRO A 96 -8.93 -15.91 6.74
CA PRO A 96 -8.12 -15.93 7.95
C PRO A 96 -6.66 -15.71 7.63
N ASP A 97 -5.82 -15.94 8.63
CA ASP A 97 -4.40 -15.85 8.41
C ASP A 97 -3.94 -17.31 8.37
N TYR A 98 -3.56 -17.77 7.19
CA TYR A 98 -3.13 -19.16 7.04
C TYR A 98 -1.95 -19.57 7.92
N THR A 99 -1.07 -18.63 8.20
CA THR A 99 0.06 -18.94 9.03
C THR A 99 -0.44 -19.31 10.41
N ALA A 100 -1.22 -18.41 11.01
CA ALA A 100 -1.75 -18.65 12.36
C ALA A 100 -2.74 -19.80 12.39
N GLU A 101 -3.55 -19.93 11.34
CA GLU A 101 -4.54 -21.00 11.26
C GLU A 101 -3.86 -22.35 11.08
N ALA A 102 -2.91 -22.42 10.13
CA ALA A 102 -2.17 -23.65 9.86
C ALA A 102 -1.34 -24.02 11.07
N LEU A 103 -0.86 -23.02 11.78
CA LEU A 103 -0.05 -23.26 12.97
C LEU A 103 -0.88 -23.91 14.07
N LYS A 104 -2.15 -23.50 14.18
CA LYS A 104 -3.00 -24.08 15.20
C LYS A 104 -3.26 -25.55 14.89
N VAL A 105 -3.73 -25.83 13.68
CA VAL A 105 -4.03 -27.20 13.28
C VAL A 105 -2.80 -28.07 13.55
N TYR A 106 -1.66 -27.62 13.03
CA TYR A 106 -0.40 -28.33 13.21
C TYR A 106 -0.06 -28.50 14.68
N THR A 107 -0.40 -27.50 15.49
CA THR A 107 -0.14 -27.58 16.93
C THR A 107 -1.15 -28.51 17.60
N GLU A 108 -2.42 -28.39 17.19
CA GLU A 108 -3.50 -29.22 17.73
C GLU A 108 -3.18 -30.69 17.47
N GLY A 109 -2.68 -30.97 16.26
CA GLY A 109 -2.34 -32.33 15.89
C GLY A 109 -1.23 -32.84 16.78
N MET A 110 -0.23 -32.00 16.97
CA MET A 110 0.86 -32.44 17.82
C MET A 110 0.35 -32.78 19.18
N GLN A 111 -0.71 -32.09 19.58
CA GLN A 111 -1.25 -32.35 20.89
C GLN A 111 -1.90 -33.73 20.87
N ASP A 112 -2.72 -33.99 19.87
CA ASP A 112 -3.38 -35.28 19.77
C ASP A 112 -2.37 -36.43 19.69
N TYR A 113 -1.39 -36.29 18.81
CA TYR A 113 -0.37 -37.34 18.65
C TYR A 113 0.23 -37.69 20.00
N LYS A 114 0.72 -36.68 20.72
CA LYS A 114 1.30 -36.93 22.02
C LYS A 114 0.21 -37.24 23.03
N ALA A 115 -1.03 -37.03 22.65
CA ALA A 115 -2.17 -37.28 23.54
C ALA A 115 -2.55 -38.77 23.57
N LYS A 116 -1.79 -39.58 22.84
CA LYS A 116 -2.03 -41.03 22.80
C LYS A 116 -0.88 -41.80 23.44
N ALA A 124 -8.42 -34.03 23.69
CA ALA A 124 -9.41 -33.05 24.15
C ALA A 124 -10.26 -33.60 25.29
N ASP A 125 -9.84 -34.73 25.82
CA ASP A 125 -10.57 -35.38 26.93
C ASP A 125 -9.74 -35.44 28.20
N LEU A 126 -8.44 -35.14 28.08
CA LEU A 126 -7.53 -35.18 29.22
C LEU A 126 -7.94 -34.20 30.30
N THR A 127 -7.37 -34.36 31.49
CA THR A 127 -7.67 -33.46 32.60
C THR A 127 -6.96 -32.15 32.33
N ASP A 128 -7.29 -31.11 33.09
CA ASP A 128 -6.61 -29.83 32.92
C ASP A 128 -5.17 -30.04 33.38
N ASP A 129 -5.02 -30.89 34.40
CA ASP A 129 -3.71 -31.22 34.96
C ASP A 129 -3.00 -32.06 33.91
N GLU A 130 -3.80 -32.72 33.08
CA GLU A 130 -3.25 -33.58 32.05
C GLU A 130 -2.98 -32.88 30.72
N LYS A 131 -3.97 -32.16 30.19
CA LYS A 131 -3.75 -31.45 28.92
C LYS A 131 -2.60 -30.49 29.14
N SER A 132 -2.46 -30.06 30.38
CA SER A 132 -1.40 -29.15 30.80
C SER A 132 -0.03 -29.74 30.47
N ILE A 133 0.21 -30.96 30.92
CA ILE A 133 1.47 -31.65 30.69
C ILE A 133 1.80 -31.78 29.21
N ILE A 134 0.84 -32.27 28.43
CA ILE A 134 1.07 -32.49 27.00
C ILE A 134 1.39 -31.19 26.26
N ARG A 135 0.53 -30.20 26.48
CA ARG A 135 0.70 -28.87 25.92
C ARG A 135 2.13 -28.46 26.04
N GLU A 136 2.52 -28.51 27.30
CA GLU A 136 3.83 -28.12 27.72
C GLU A 136 4.88 -28.92 26.97
N GLN A 137 4.56 -30.17 26.66
CA GLN A 137 5.48 -31.06 25.94
C GLN A 137 5.66 -30.65 24.49
N VAL A 138 4.55 -30.33 23.83
CA VAL A 138 4.58 -29.92 22.44
C VAL A 138 5.34 -28.61 22.34
N ILE A 139 5.26 -27.81 23.40
CA ILE A 139 5.95 -26.53 23.41
C ILE A 139 7.46 -26.75 23.32
N LYS A 140 8.00 -27.49 24.28
CA LYS A 140 9.44 -27.75 24.30
C LYS A 140 9.91 -28.47 23.04
N GLU A 141 9.03 -29.22 22.39
CA GLU A 141 9.44 -29.97 21.20
C GLU A 141 9.33 -29.24 19.86
N MET A 142 8.34 -28.39 19.70
CA MET A 142 8.16 -27.69 18.42
C MET A 142 9.02 -26.45 18.21
N ARG A 143 9.40 -25.77 19.29
CA ARG A 143 10.19 -24.56 19.18
C ARG A 143 11.70 -24.76 18.99
N LYS A 144 12.16 -26.00 18.92
CA LYS A 144 13.59 -26.24 18.71
C LYS A 144 13.90 -26.41 17.23
N ASN A 145 14.89 -25.67 16.74
CA ASN A 145 15.25 -25.71 15.33
C ASN A 145 16.00 -27.00 14.97
N ARG A 146 15.40 -27.79 14.09
CA ARG A 146 16.00 -29.05 13.66
C ARG A 146 16.46 -29.00 12.20
N TYR A 147 16.87 -27.81 11.77
CA TYR A 147 17.34 -27.61 10.41
C TYR A 147 18.86 -27.63 10.44
N ASN A 148 19.44 -28.29 9.44
CA ASN A 148 20.89 -28.39 9.34
C ASN A 148 21.42 -27.44 8.28
N PRO A 149 22.12 -26.38 8.70
CA PRO A 149 22.67 -25.41 7.77
C PRO A 149 23.69 -26.05 6.83
N VAL A 150 24.53 -26.92 7.38
CA VAL A 150 25.55 -27.63 6.60
C VAL A 150 24.88 -28.38 5.44
N THR A 151 23.72 -28.99 5.72
CA THR A 151 22.97 -29.72 4.71
C THR A 151 21.55 -29.14 4.65
N ASP A 152 21.23 -28.46 3.56
CA ASP A 152 19.92 -27.85 3.39
C ASP A 152 18.74 -28.81 3.52
N VAL A 153 18.64 -29.49 4.66
CA VAL A 153 17.53 -30.39 4.91
C VAL A 153 17.08 -30.26 6.35
N LEU A 154 15.77 -30.35 6.54
CA LEU A 154 15.17 -30.24 7.85
C LEU A 154 14.43 -31.53 8.18
N VAL A 155 14.56 -31.97 9.42
CA VAL A 155 13.87 -33.18 9.87
C VAL A 155 12.97 -32.79 11.03
N LEU A 156 11.73 -33.29 11.02
CA LEU A 156 10.82 -32.98 12.10
C LEU A 156 10.23 -34.25 12.72
N THR A 157 10.18 -34.27 14.05
CA THR A 157 9.67 -35.40 14.81
C THR A 157 8.33 -35.94 14.30
N ASP A 158 7.95 -37.12 14.76
CA ASP A 158 6.69 -37.72 14.37
C ASP A 158 5.53 -36.84 14.81
N ALA A 159 5.58 -36.43 16.09
CA ALA A 159 4.55 -35.55 16.65
C ALA A 159 4.27 -34.37 15.71
N GLN A 160 5.28 -33.96 14.96
CA GLN A 160 5.16 -32.85 14.02
C GLN A 160 4.62 -33.30 12.67
N VAL A 161 4.99 -34.52 12.27
CA VAL A 161 4.55 -35.05 10.99
C VAL A 161 3.06 -35.34 11.07
N TYR A 162 2.61 -35.83 12.23
CA TYR A 162 1.19 -36.10 12.42
C TYR A 162 0.50 -34.76 12.25
N GLY A 163 1.12 -33.70 12.79
CA GLY A 163 0.57 -32.37 12.68
C GLY A 163 0.47 -31.88 11.24
N LEU A 164 1.52 -32.15 10.46
CA LEU A 164 1.55 -31.74 9.07
C LEU A 164 0.41 -32.42 8.34
N GLU A 165 0.01 -33.58 8.81
CA GLU A 165 -1.09 -34.34 8.21
C GLU A 165 -2.39 -33.57 8.37
N LYS A 166 -2.73 -33.25 9.63
CA LYS A 166 -3.94 -32.51 9.94
C LYS A 166 -4.00 -31.21 9.13
N VAL A 167 -2.84 -30.60 8.91
CA VAL A 167 -2.77 -29.37 8.15
C VAL A 167 -3.11 -29.70 6.70
N ARG A 168 -2.52 -30.78 6.22
CA ARG A 168 -2.73 -31.22 4.85
C ARG A 168 -4.19 -31.56 4.61
N ASP A 169 -4.80 -32.28 5.54
CA ASP A 169 -6.22 -32.66 5.43
C ASP A 169 -7.08 -31.40 5.48
N TYR A 170 -6.83 -30.59 6.51
CA TYR A 170 -7.56 -29.36 6.75
C TYR A 170 -7.77 -28.50 5.51
N TYR A 171 -6.69 -28.21 4.81
CA TYR A 171 -6.79 -27.38 3.63
C TYR A 171 -7.36 -28.05 2.39
N ARG A 172 -7.36 -29.38 2.36
CA ARG A 172 -7.93 -30.08 1.22
C ARG A 172 -9.42 -29.86 1.36
N ASP A 173 -9.88 -30.02 2.59
CA ASP A 173 -11.28 -29.80 2.90
C ASP A 173 -11.62 -28.35 2.52
N VAL A 174 -10.77 -27.42 2.96
CA VAL A 174 -10.95 -25.99 2.69
C VAL A 174 -11.01 -25.68 1.21
N PHE A 175 -9.97 -26.04 0.48
CA PHE A 175 -9.91 -25.77 -0.96
C PHE A 175 -10.72 -26.74 -1.81
N THR A 176 -11.65 -27.43 -1.15
CA THR A 176 -12.54 -28.37 -1.81
C THR A 176 -13.99 -28.04 -1.40
N ASN A 177 -14.24 -28.10 -0.10
CA ASN A 177 -15.56 -27.80 0.45
C ASN A 177 -15.77 -26.30 0.69
N GLY A 178 -14.68 -25.61 0.97
CA GLY A 178 -14.77 -24.19 1.26
C GLY A 178 -14.37 -23.97 2.70
N ASP A 179 -14.45 -22.73 3.16
CA ASP A 179 -14.09 -22.38 4.54
C ASP A 179 -15.30 -21.91 5.35
N GLY A 180 -16.50 -22.15 4.81
CA GLY A 180 -17.71 -21.76 5.51
C GLY A 180 -17.85 -20.26 5.64
N TRP A 181 -17.18 -19.51 4.77
CA TRP A 181 -17.24 -18.06 4.84
C TRP A 181 -16.58 -17.33 3.68
N GLY A 182 -17.33 -17.01 2.64
CA GLY A 182 -16.73 -16.27 1.54
C GLY A 182 -15.84 -16.99 0.53
N LEU A 183 -15.18 -18.06 0.93
CA LEU A 183 -14.34 -18.77 -0.02
C LEU A 183 -15.17 -19.69 -0.92
N LYS A 184 -14.90 -19.66 -2.22
CA LYS A 184 -15.59 -20.50 -3.20
C LYS A 184 -15.22 -21.98 -3.07
N LYS A 185 -16.22 -22.85 -3.25
CA LYS A 185 -16.02 -24.31 -3.13
C LYS A 185 -15.11 -24.85 -4.22
N GLY A 186 -14.25 -25.79 -3.84
CA GLY A 186 -13.33 -26.42 -4.76
C GLY A 186 -12.77 -25.43 -5.76
N LEU A 187 -12.12 -24.39 -5.26
CA LEU A 187 -11.58 -23.39 -6.16
C LEU A 187 -10.29 -23.89 -6.81
N ILE A 188 -9.56 -24.77 -6.10
CA ILE A 188 -8.33 -25.32 -6.66
C ILE A 188 -8.58 -26.65 -7.40
N LYS A 189 -8.21 -26.68 -8.68
CA LYS A 189 -8.41 -27.88 -9.49
C LYS A 189 -7.29 -28.07 -10.52
N GLU A 190 -6.76 -29.29 -10.58
CA GLU A 190 -5.67 -29.64 -11.49
C GLU A 190 -5.95 -29.18 -12.92
N SER A 191 -7.21 -29.31 -13.33
CA SER A 191 -7.62 -28.91 -14.66
C SER A 191 -7.27 -27.46 -14.97
N ASP A 192 -6.97 -26.67 -13.95
CA ASP A 192 -6.62 -25.26 -14.18
C ASP A 192 -5.22 -25.15 -14.78
N MET A 193 -4.41 -26.17 -14.57
CA MET A 193 -3.04 -26.22 -15.06
C MET A 193 -2.70 -27.56 -15.72
N PRO A 194 -1.82 -27.53 -16.74
CA PRO A 194 -1.36 -28.70 -17.51
C PRO A 194 -1.13 -29.97 -16.69
N LYS A 195 -1.03 -31.10 -17.39
CA LYS A 195 -0.78 -32.39 -16.75
C LYS A 195 0.46 -32.25 -15.87
N ALA A 196 1.51 -31.79 -16.50
CA ALA A 196 2.77 -31.58 -15.83
C ALA A 196 3.45 -30.46 -16.59
N ASN A 197 4.66 -30.13 -16.16
CA ASN A 197 5.40 -29.05 -16.76
C ASN A 197 4.66 -27.75 -16.50
N ARG A 198 4.18 -27.62 -15.26
CA ARG A 198 3.43 -26.47 -14.79
C ARG A 198 4.40 -25.34 -14.42
N ALA A 199 4.13 -24.16 -14.97
CA ALA A 199 4.92 -22.94 -14.77
C ALA A 199 5.77 -22.83 -13.50
N TRP A 200 5.17 -22.38 -12.39
CA TRP A 200 5.93 -22.24 -11.16
C TRP A 200 5.55 -23.24 -10.11
N VAL A 201 4.36 -23.82 -10.29
CA VAL A 201 3.90 -24.83 -9.36
C VAL A 201 4.53 -26.17 -9.79
N ALA A 202 4.81 -27.02 -8.82
CA ALA A 202 5.44 -28.31 -9.10
C ALA A 202 4.54 -29.42 -9.64
N ASP A 203 5.19 -30.42 -10.24
CA ASP A 203 4.51 -31.60 -10.76
C ASP A 203 4.10 -32.30 -9.47
N SER A 204 2.82 -32.24 -9.14
CA SER A 204 2.33 -32.84 -7.91
C SER A 204 1.00 -32.18 -7.57
N ASP A 205 0.17 -32.87 -6.82
CA ASP A 205 -1.12 -32.32 -6.43
C ASP A 205 -0.91 -30.88 -5.95
N GLN A 206 -1.73 -29.96 -6.44
CA GLN A 206 -1.60 -28.55 -6.07
C GLN A 206 -1.99 -28.25 -4.62
N ILE A 207 -3.11 -28.79 -4.16
CA ILE A 207 -3.55 -28.51 -2.79
C ILE A 207 -2.82 -29.26 -1.69
N GLN A 208 -1.65 -29.79 -2.02
CA GLN A 208 -0.84 -30.43 -1.00
C GLN A 208 0.37 -29.54 -1.00
N GLN A 209 0.59 -28.83 -2.10
CA GLN A 209 1.72 -27.91 -2.14
C GLN A 209 1.35 -26.72 -1.23
N ILE A 210 0.11 -26.24 -1.36
CA ILE A 210 -0.40 -25.13 -0.56
C ILE A 210 -0.30 -25.45 0.92
N ALA A 211 -0.87 -26.57 1.32
CA ALA A 211 -0.84 -26.99 2.71
C ALA A 211 0.60 -27.03 3.18
N ASP A 212 1.51 -27.29 2.24
CA ASP A 212 2.94 -27.35 2.52
C ASP A 212 3.50 -25.95 2.68
N PHE A 213 3.10 -25.06 1.78
CA PHE A 213 3.54 -23.67 1.87
C PHE A 213 3.04 -23.12 3.21
N PHE A 214 1.73 -23.21 3.46
CA PHE A 214 1.20 -22.72 4.73
C PHE A 214 1.92 -23.36 5.91
N PHE A 215 2.17 -24.66 5.86
CA PHE A 215 2.87 -25.33 6.95
C PHE A 215 4.25 -24.72 7.16
N TRP A 216 4.95 -24.43 6.06
CA TRP A 216 6.28 -23.86 6.16
C TRP A 216 6.28 -22.52 6.90
N THR A 217 5.41 -21.59 6.48
CA THR A 217 5.34 -20.30 7.16
C THR A 217 5.06 -20.56 8.64
N ALA A 218 4.15 -21.48 8.91
CA ALA A 218 3.77 -21.84 10.27
C ALA A 218 4.94 -22.47 10.99
N TRP A 219 5.84 -23.09 10.24
CA TRP A 219 7.01 -23.72 10.81
C TRP A 219 7.99 -22.63 11.30
N LEU A 220 8.37 -21.70 10.42
CA LEU A 220 9.30 -20.64 10.82
C LEU A 220 8.75 -19.65 11.84
N SER A 221 7.42 -19.51 11.88
CA SER A 221 6.81 -18.59 12.82
C SER A 221 6.90 -19.15 14.24
N SER A 222 6.96 -20.47 14.36
CA SER A 222 7.01 -21.10 15.67
C SER A 222 8.35 -21.73 16.06
N THR A 223 9.27 -21.81 15.11
CA THR A 223 10.56 -22.40 15.36
C THR A 223 11.63 -21.35 15.64
N LEU A 224 12.34 -21.53 16.76
CA LEU A 224 13.40 -20.61 17.16
C LEU A 224 14.45 -20.48 16.06
N ARG A 225 15.00 -19.29 15.94
CA ARG A 225 16.05 -19.10 14.95
C ARG A 225 17.26 -19.78 15.57
N ILE A 226 18.18 -20.25 14.72
CA ILE A 226 19.40 -20.94 15.17
C ILE A 226 20.25 -20.08 16.12
N GLY A 227 20.44 -20.56 17.34
CA GLY A 227 21.21 -19.83 18.33
C GLY A 227 20.38 -18.80 19.08
N ASP A 228 19.34 -18.31 18.42
CA ASP A 228 18.46 -17.30 19.00
C ASP A 228 17.51 -17.88 20.05
N GLU A 229 16.72 -17.00 20.68
CA GLU A 229 15.77 -17.42 21.70
C GLU A 229 14.32 -17.13 21.32
N ILE A 230 14.14 -16.56 20.12
CA ILE A 230 12.82 -16.26 19.63
C ILE A 230 12.77 -16.79 18.20
N THR A 231 11.57 -16.83 17.61
CA THR A 231 11.45 -17.38 16.28
C THR A 231 11.81 -16.48 15.09
N TYR A 232 11.71 -17.04 13.89
CA TYR A 232 12.02 -16.32 12.66
C TYR A 232 11.15 -15.11 12.45
N THR A 233 10.07 -15.03 13.20
CA THR A 233 9.14 -13.91 13.10
C THR A 233 9.02 -13.19 14.42
N ASN A 234 10.03 -13.31 15.26
CA ASN A 234 10.01 -12.66 16.56
C ASN A 234 8.77 -13.02 17.37
N ASN A 235 8.51 -14.34 17.43
CA ASN A 235 7.38 -14.91 18.18
C ASN A 235 5.99 -14.54 17.64
N TRP A 236 5.89 -14.25 16.35
CA TRP A 236 4.61 -13.91 15.75
C TRP A 236 4.13 -15.12 14.91
N PRO A 237 2.83 -15.40 14.91
CA PRO A 237 1.74 -14.73 15.63
C PRO A 237 1.62 -15.08 17.10
N TYR A 238 0.85 -14.28 17.84
CA TYR A 238 0.66 -14.55 19.25
C TYR A 238 -0.11 -15.85 19.38
N TYR A 239 0.41 -16.78 20.19
CA TYR A 239 -0.24 -18.08 20.35
C TYR A 239 0.38 -18.96 21.43
N GLU A 240 -0.10 -18.78 22.66
CA GLU A 240 0.39 -19.54 23.82
C GLU A 240 0.75 -21.02 23.55
N ASP A 241 -0.21 -21.78 23.01
CA ASP A 241 0.01 -23.20 22.74
C ASP A 241 1.27 -23.53 21.96
N ALA A 242 1.80 -22.55 21.24
CA ALA A 242 3.02 -22.76 20.46
C ALA A 242 4.19 -22.08 21.13
N GLY A 243 3.96 -21.51 22.30
CA GLY A 243 5.03 -20.84 22.99
C GLY A 243 5.30 -19.45 22.43
N ASN A 244 4.46 -18.97 21.50
CA ASN A 244 4.64 -17.64 20.92
C ASN A 244 4.07 -16.49 21.78
N THR A 245 4.97 -15.75 22.44
CA THR A 245 4.59 -14.60 23.26
C THR A 245 5.50 -13.42 22.95
N MET A 246 5.03 -12.20 23.25
CA MET A 246 5.78 -10.99 22.93
C MET A 246 7.25 -11.02 23.34
N SER A 247 8.13 -10.59 22.43
CA SER A 247 9.56 -10.56 22.69
C SER A 247 9.96 -9.31 23.47
N PHE A 248 11.13 -9.35 24.10
CA PHE A 248 11.59 -8.19 24.85
C PHE A 248 11.80 -7.02 23.89
N SER A 249 12.35 -7.31 22.71
CA SER A 249 12.58 -6.28 21.71
C SER A 249 11.33 -5.51 21.38
N ALA A 250 10.21 -6.22 21.32
CA ALA A 250 8.95 -5.58 20.98
C ALA A 250 8.58 -4.51 22.01
N VAL A 251 8.81 -4.79 23.29
CA VAL A 251 8.46 -3.80 24.28
C VAL A 251 9.54 -2.72 24.39
N TRP A 252 10.81 -3.11 24.45
CA TRP A 252 11.86 -2.13 24.56
C TRP A 252 11.87 -1.12 23.42
N TRP A 253 11.68 -1.58 22.20
CA TRP A 253 11.72 -0.63 21.09
C TRP A 253 10.49 0.25 20.97
N SER A 254 9.42 -0.11 21.68
CA SER A 254 8.21 0.70 21.68
C SER A 254 8.56 1.96 22.45
N GLY A 255 9.20 1.78 23.59
CA GLY A 255 9.60 2.92 24.39
C GLY A 255 10.71 3.72 23.73
N ALA A 256 11.79 3.03 23.33
CA ALA A 256 12.94 3.68 22.70
C ALA A 256 12.56 4.48 21.47
N SER A 257 11.79 3.88 20.57
CA SER A 257 11.39 4.61 19.36
C SER A 257 10.72 5.94 19.64
N VAL A 258 9.87 5.99 20.66
CA VAL A 258 9.17 7.22 20.98
C VAL A 258 10.10 8.21 21.65
N THR A 259 11.00 7.74 22.51
CA THR A 259 11.90 8.70 23.14
C THR A 259 12.79 9.36 22.07
N ILE A 260 13.29 8.57 21.12
CA ILE A 260 14.13 9.15 20.08
C ILE A 260 13.33 10.13 19.24
N LEU A 261 12.04 9.84 19.07
CA LEU A 261 11.17 10.76 18.31
C LEU A 261 11.02 12.09 19.09
N ILE A 262 10.83 11.99 20.41
CA ILE A 262 10.68 13.20 21.21
C ILE A 262 11.96 14.00 21.05
N LEU A 263 13.10 13.31 21.04
CA LEU A 263 14.39 13.99 20.87
C LEU A 263 14.50 14.75 19.55
N PHE A 264 14.11 14.12 18.44
CA PHE A 264 14.22 14.81 17.17
C PHE A 264 13.16 15.82 16.83
N ILE A 265 12.00 15.71 17.47
CA ILE A 265 10.94 16.68 17.27
C ILE A 265 11.52 18.03 17.73
N GLY A 266 12.20 18.01 18.86
CA GLY A 266 12.79 19.22 19.37
C GLY A 266 13.81 19.78 18.42
N ILE A 267 14.79 18.94 18.08
CA ILE A 267 15.87 19.31 17.17
C ILE A 267 15.35 19.84 15.84
N ILE A 268 14.46 19.07 15.20
CA ILE A 268 13.91 19.49 13.91
C ILE A 268 13.16 20.80 14.03
N LEU A 269 12.36 20.92 15.08
CA LEU A 269 11.58 22.12 15.32
C LEU A 269 12.52 23.33 15.37
N TYR A 270 13.62 23.17 16.10
CA TYR A 270 14.61 24.23 16.21
C TYR A 270 15.18 24.60 14.85
N VAL A 271 15.61 23.60 14.08
CA VAL A 271 16.17 23.81 12.74
C VAL A 271 15.15 24.51 11.86
N PHE A 272 13.93 24.02 11.92
CA PHE A 272 12.81 24.60 11.17
C PHE A 272 12.63 26.08 11.47
N TYR A 273 12.57 26.40 12.76
CA TYR A 273 12.36 27.76 13.23
C TYR A 273 13.54 28.69 12.95
N ARG A 274 14.76 28.22 13.19
CA ARG A 274 15.93 29.06 12.98
C ARG A 274 16.32 29.37 11.53
N TYR A 275 15.94 28.53 10.58
CA TYR A 275 16.30 28.78 9.20
C TYR A 275 15.11 29.14 8.34
N GLN A 276 13.96 29.35 8.97
CA GLN A 276 12.74 29.69 8.27
C GLN A 276 12.61 28.78 7.06
N LEU A 277 12.70 27.48 7.32
CA LEU A 277 12.64 26.49 6.25
C LEU A 277 11.22 26.20 5.76
N SER A 278 10.50 27.26 5.41
CA SER A 278 9.14 27.10 4.90
C SER A 278 8.91 28.16 3.82
N MET A 279 7.82 28.04 3.09
CA MET A 279 7.50 29.00 2.05
C MET A 279 7.11 30.35 2.65
N GLN A 280 7.57 31.42 2.00
CA GLN A 280 7.31 32.80 2.39
C GLN A 280 6.42 33.45 1.33
N GLU A 281 5.34 34.12 1.75
CA GLU A 281 4.43 34.79 0.83
C GLU A 281 5.24 35.72 -0.07
N ALA A 282 4.87 35.79 -1.36
CA ALA A 282 5.58 36.65 -2.30
C ALA A 282 4.87 37.97 -2.51
N TYR A 283 3.82 38.21 -1.74
CA TYR A 283 3.05 39.44 -1.86
C TYR A 283 2.92 40.16 -0.54
N ALA A 284 2.90 41.49 -0.59
CA ALA A 284 2.75 42.30 0.61
C ALA A 284 1.28 42.33 1.01
N GLU A 285 1.00 42.78 2.23
CA GLU A 285 -0.37 42.84 2.74
C GLU A 285 -1.31 43.62 1.80
N GLY A 286 -2.38 42.95 1.39
CA GLY A 286 -3.35 43.57 0.50
C GLY A 286 -2.95 43.58 -0.95
N LYS A 287 -1.73 43.13 -1.24
CA LYS A 287 -1.21 43.10 -2.60
C LYS A 287 -1.30 41.73 -3.28
N PHE A 288 -2.38 41.00 -3.00
CA PHE A 288 -2.60 39.68 -3.60
C PHE A 288 -2.44 39.74 -5.13
N PRO A 289 -1.77 38.75 -5.74
CA PRO A 289 -1.58 38.75 -7.19
C PRO A 289 -2.88 38.51 -7.97
N VAL A 290 -3.01 39.12 -9.14
CA VAL A 290 -4.20 38.94 -9.95
C VAL A 290 -4.09 37.63 -10.72
N ILE A 291 -5.18 36.87 -10.74
CA ILE A 291 -5.20 35.60 -11.44
C ILE A 291 -6.28 35.65 -12.52
N ASP A 292 -5.91 36.20 -13.66
CA ASP A 292 -6.81 36.31 -14.81
C ASP A 292 -6.60 35.05 -15.67
N LEU A 293 -7.30 33.98 -15.32
CA LEU A 293 -7.15 32.72 -16.04
C LEU A 293 -7.58 32.83 -17.49
N ARG A 294 -8.36 33.85 -17.78
CA ARG A 294 -8.82 34.01 -19.14
C ARG A 294 -7.73 34.39 -20.11
N ARG A 295 -6.71 35.04 -19.60
CA ARG A 295 -5.62 35.39 -20.47
C ARG A 295 -4.40 34.63 -20.01
N GLN A 296 -4.55 33.31 -19.97
CA GLN A 296 -3.49 32.39 -19.59
C GLN A 296 -3.27 31.46 -20.77
N PRO A 297 -2.05 31.41 -21.31
CA PRO A 297 -1.78 30.52 -22.45
C PRO A 297 -2.23 29.10 -22.12
N LEU A 298 -2.80 28.46 -23.12
CA LEU A 298 -3.30 27.12 -22.94
C LEU A 298 -2.84 26.37 -24.17
N THR A 299 -2.50 25.08 -24.05
CA THR A 299 -2.04 24.38 -25.25
C THR A 299 -2.79 23.08 -25.53
N PRO A 300 -2.61 22.53 -26.74
CA PRO A 300 -3.29 21.29 -27.12
C PRO A 300 -3.06 20.12 -26.18
N SER A 301 -1.82 19.96 -25.68
CA SER A 301 -1.51 18.86 -24.79
C SER A 301 -2.15 19.06 -23.42
N GLN A 302 -2.34 20.31 -23.02
CA GLN A 302 -2.98 20.58 -21.74
C GLN A 302 -4.46 20.24 -21.80
N VAL A 303 -5.17 20.77 -22.79
CA VAL A 303 -6.59 20.47 -22.93
C VAL A 303 -6.75 18.96 -23.06
N LYS A 304 -5.77 18.31 -23.69
CA LYS A 304 -5.84 16.86 -23.87
C LYS A 304 -5.64 16.17 -22.51
N ALA A 305 -4.84 16.79 -21.65
CA ALA A 305 -4.58 16.23 -20.32
C ALA A 305 -5.81 16.48 -19.46
N GLY A 306 -6.71 17.32 -19.95
CA GLY A 306 -7.90 17.65 -19.21
C GLY A 306 -8.87 16.49 -19.13
N LYS A 307 -9.01 15.75 -20.22
CA LYS A 307 -9.92 14.61 -20.24
C LYS A 307 -9.35 13.43 -19.46
N TYR A 308 -8.06 13.51 -19.17
CA TYR A 308 -7.38 12.48 -18.40
C TYR A 308 -8.06 12.47 -17.03
N PHE A 309 -8.32 13.66 -16.53
CA PHE A 309 -8.94 13.85 -15.23
C PHE A 309 -10.36 13.34 -15.08
N VAL A 310 -11.16 13.42 -16.14
CA VAL A 310 -12.52 12.92 -16.04
C VAL A 310 -12.51 11.39 -15.91
N VAL A 311 -11.51 10.75 -16.52
CA VAL A 311 -11.38 9.29 -16.44
C VAL A 311 -10.95 8.85 -15.06
N VAL A 312 -10.02 9.59 -14.45
CA VAL A 312 -9.56 9.22 -13.12
C VAL A 312 -10.77 9.38 -12.23
N SER A 313 -11.52 10.43 -12.49
CA SER A 313 -12.73 10.73 -11.76
C SER A 313 -13.68 9.53 -11.91
N ALA A 314 -13.62 8.90 -13.08
CA ALA A 314 -14.45 7.75 -13.35
C ALA A 314 -13.86 6.49 -12.69
N LEU A 315 -12.54 6.34 -12.73
CA LEU A 315 -11.91 5.18 -12.12
C LEU A 315 -12.12 5.26 -10.61
N PHE A 316 -12.13 6.50 -10.12
CA PHE A 316 -12.34 6.76 -8.71
C PHE A 316 -13.76 6.28 -8.37
N PHE A 317 -14.69 6.53 -9.28
CA PHE A 317 -16.06 6.08 -9.07
C PHE A 317 -16.16 4.57 -8.97
N VAL A 318 -15.54 3.85 -9.91
CA VAL A 318 -15.63 2.39 -9.89
C VAL A 318 -14.85 1.81 -8.73
N GLN A 319 -13.71 2.41 -8.45
CA GLN A 319 -12.88 1.95 -7.34
C GLN A 319 -13.70 1.98 -6.06
N THR A 320 -14.37 3.10 -5.82
CA THR A 320 -15.19 3.25 -4.62
C THR A 320 -16.26 2.17 -4.55
N MET A 321 -16.94 1.94 -5.66
CA MET A 321 -17.99 0.93 -5.74
C MET A 321 -17.51 -0.44 -5.28
N PHE A 322 -16.34 -0.85 -5.78
CA PHE A 322 -15.78 -2.15 -5.39
C PHE A 322 -15.58 -2.14 -3.88
N GLY A 323 -15.30 -0.96 -3.34
CA GLY A 323 -15.13 -0.83 -1.91
C GLY A 323 -16.48 -1.09 -1.24
N ALA A 324 -17.52 -0.49 -1.79
CA ALA A 324 -18.86 -0.68 -1.27
C ALA A 324 -19.20 -2.16 -1.29
N LEU A 325 -18.76 -2.84 -2.34
CA LEU A 325 -19.01 -4.26 -2.47
C LEU A 325 -18.30 -5.07 -1.40
N LEU A 326 -17.01 -4.79 -1.20
CA LEU A 326 -16.20 -5.49 -0.21
C LEU A 326 -16.79 -5.36 1.19
N ALA A 327 -17.21 -4.15 1.53
CA ALA A 327 -17.81 -3.87 2.83
C ALA A 327 -19.13 -4.62 2.99
N HIS A 328 -19.83 -4.78 1.87
CA HIS A 328 -21.09 -5.50 1.86
C HIS A 328 -20.84 -6.99 2.17
N TYR A 329 -19.81 -7.57 1.54
CA TYR A 329 -19.48 -8.97 1.76
C TYR A 329 -19.20 -9.38 3.22
N TYR A 330 -18.83 -8.44 4.09
CA TYR A 330 -18.60 -8.81 5.49
C TYR A 330 -19.94 -9.13 6.15
N THR A 331 -21.03 -8.65 5.53
CA THR A 331 -22.36 -8.87 6.07
C THR A 331 -23.09 -9.98 5.31
N GLU A 332 -22.80 -10.11 4.02
CA GLU A 332 -23.38 -11.15 3.18
C GLU A 332 -22.23 -11.72 2.34
N PRO A 333 -21.51 -12.71 2.89
CA PRO A 333 -20.34 -13.45 2.39
C PRO A 333 -20.33 -13.99 0.97
N ASP A 334 -21.42 -14.62 0.56
CA ASP A 334 -21.50 -15.24 -0.77
C ASP A 334 -22.58 -14.69 -1.69
N SER A 335 -23.06 -13.50 -1.41
CA SER A 335 -24.09 -12.92 -2.27
C SER A 335 -24.24 -11.44 -2.09
N PHE A 336 -24.75 -10.79 -3.12
CA PHE A 336 -24.95 -9.37 -3.04
C PHE A 336 -26.45 -9.04 -3.08
N PHE A 337 -27.08 -9.03 -1.90
CA PHE A 337 -28.51 -8.75 -1.78
C PHE A 337 -29.34 -9.81 -2.50
N GLY A 338 -28.92 -11.06 -2.38
CA GLY A 338 -29.65 -12.14 -3.03
C GLY A 338 -29.20 -12.46 -4.45
N ILE A 339 -28.78 -11.42 -5.19
CA ILE A 339 -28.34 -11.60 -6.57
C ILE A 339 -27.27 -12.70 -6.64
N ASN A 340 -26.91 -13.14 -7.84
CA ASN A 340 -25.94 -14.22 -7.97
C ASN A 340 -24.66 -13.96 -8.72
N TRP A 341 -24.75 -13.68 -10.01
CA TRP A 341 -23.56 -13.45 -10.82
C TRP A 341 -22.51 -12.62 -10.09
N ILE A 342 -22.96 -11.66 -9.29
CA ILE A 342 -22.05 -10.79 -8.56
C ILE A 342 -20.97 -11.53 -7.75
N TYR A 343 -21.38 -12.43 -6.86
CA TYR A 343 -20.39 -13.19 -6.09
C TYR A 343 -19.69 -14.21 -6.98
N ASP A 344 -20.26 -14.46 -8.15
CA ASP A 344 -19.70 -15.43 -9.08
C ASP A 344 -18.61 -14.78 -9.92
N ILE A 345 -18.93 -13.66 -10.57
CA ILE A 345 -17.94 -12.99 -11.40
C ILE A 345 -17.08 -12.06 -10.56
N LEU A 346 -17.69 -11.44 -9.55
CA LEU A 346 -16.98 -10.50 -8.68
C LEU A 346 -16.88 -10.89 -7.20
N PRO A 347 -16.17 -11.99 -6.89
CA PRO A 347 -16.03 -12.39 -5.49
C PRO A 347 -15.11 -11.42 -4.74
N PHE A 348 -14.96 -11.60 -3.43
CA PHE A 348 -14.14 -10.69 -2.60
C PHE A 348 -12.69 -10.52 -3.04
N ASN A 349 -11.95 -11.63 -3.18
CA ASN A 349 -10.55 -11.57 -3.56
C ASN A 349 -10.36 -10.79 -4.88
N ILE A 350 -11.18 -11.09 -5.86
CA ILE A 350 -11.09 -10.39 -7.14
C ILE A 350 -11.44 -8.93 -6.97
N ALA A 351 -12.49 -8.65 -6.20
CA ALA A 351 -12.93 -7.26 -5.98
C ALA A 351 -11.87 -6.48 -5.21
N LYS A 352 -11.29 -7.13 -4.19
CA LYS A 352 -10.27 -6.52 -3.40
C LYS A 352 -9.18 -6.04 -4.36
N GLY A 353 -8.62 -6.98 -5.12
CA GLY A 353 -7.58 -6.67 -6.08
C GLY A 353 -7.84 -5.43 -6.91
N TYR A 354 -9.02 -5.35 -7.51
CA TYR A 354 -9.39 -4.20 -8.32
C TYR A 354 -9.45 -2.92 -7.50
N HIS A 355 -9.95 -3.05 -6.27
CA HIS A 355 -10.06 -1.90 -5.38
C HIS A 355 -8.69 -1.28 -5.17
N LEU A 356 -7.70 -2.14 -4.90
CA LEU A 356 -6.35 -1.67 -4.69
C LEU A 356 -5.73 -1.19 -6.00
N GLN A 357 -5.89 -1.99 -7.04
CA GLN A 357 -5.34 -1.65 -8.34
C GLN A 357 -5.89 -0.34 -8.88
N LEU A 358 -7.18 -0.11 -8.69
CA LEU A 358 -7.77 1.13 -9.17
C LEU A 358 -7.41 2.32 -8.28
N ALA A 359 -7.21 2.11 -6.99
CA ALA A 359 -6.82 3.20 -6.10
C ALA A 359 -5.50 3.79 -6.62
N ILE A 360 -4.47 2.96 -6.70
CA ILE A 360 -3.16 3.41 -7.20
C ILE A 360 -3.30 3.94 -8.62
N PHE A 361 -4.09 3.26 -9.44
CA PHE A 361 -4.27 3.70 -10.82
C PHE A 361 -4.85 5.10 -10.97
N TRP A 362 -5.97 5.38 -10.30
CA TRP A 362 -6.57 6.71 -10.43
C TRP A 362 -5.78 7.80 -9.74
N ILE A 363 -5.23 7.52 -8.57
CA ILE A 363 -4.46 8.55 -7.89
C ILE A 363 -3.15 8.81 -8.63
N ALA A 364 -2.42 7.75 -8.96
CA ALA A 364 -1.13 7.89 -9.65
C ALA A 364 -1.32 8.65 -10.95
N THR A 365 -2.27 8.15 -11.68
CA THR A 365 -2.62 8.71 -12.95
C THR A 365 -3.01 10.14 -12.94
N ALA A 366 -3.50 10.58 -11.80
CA ALA A 366 -3.95 11.95 -11.70
C ALA A 366 -2.72 12.86 -11.77
N TRP A 367 -1.63 12.42 -11.15
CA TRP A 367 -0.39 13.20 -11.12
C TRP A 367 0.42 13.10 -12.42
N LEU A 368 0.27 12.00 -13.17
CA LEU A 368 0.97 11.89 -14.43
C LEU A 368 0.34 12.96 -15.32
N GLY A 369 -0.99 13.05 -15.23
CA GLY A 369 -1.72 14.03 -16.01
C GLY A 369 -1.31 15.43 -15.59
N MET A 370 -1.12 15.62 -14.30
CA MET A 370 -0.71 16.92 -13.79
C MET A 370 0.66 17.22 -14.39
N GLY A 371 1.47 16.17 -14.56
CA GLY A 371 2.77 16.33 -15.15
C GLY A 371 2.64 16.76 -16.59
N ILE A 372 1.72 16.11 -17.32
CA ILE A 372 1.49 16.46 -18.71
C ILE A 372 1.06 17.91 -18.75
N PHE A 373 0.07 18.26 -17.94
CA PHE A 373 -0.44 19.63 -17.90
C PHE A 373 0.56 20.76 -17.68
N ILE A 374 1.45 20.62 -16.71
CA ILE A 374 2.40 21.71 -16.44
C ILE A 374 3.64 21.68 -17.31
N ALA A 375 3.91 20.53 -17.92
CA ALA A 375 5.10 20.39 -18.75
C ALA A 375 5.34 21.56 -19.70
N PRO A 376 4.36 21.90 -20.55
CA PRO A 376 4.57 23.04 -21.46
C PRO A 376 4.89 24.33 -20.73
N LEU A 377 4.19 24.56 -19.61
CA LEU A 377 4.39 25.75 -18.80
C LEU A 377 5.85 25.92 -18.37
N VAL A 378 6.46 24.81 -17.98
CA VAL A 378 7.86 24.80 -17.54
C VAL A 378 8.79 25.15 -18.69
N GLY A 379 8.45 24.66 -19.88
CA GLY A 379 9.27 24.91 -21.05
C GLY A 379 8.98 26.22 -21.73
N GLY A 380 7.71 26.60 -21.79
CA GLY A 380 7.34 27.84 -22.43
C GLY A 380 6.72 27.64 -23.78
N GLN A 381 6.38 26.40 -24.12
CA GLN A 381 5.75 26.11 -25.40
C GLN A 381 5.36 24.66 -25.58
N GLU A 382 4.55 24.41 -26.61
CA GLU A 382 4.06 23.08 -26.93
C GLU A 382 5.09 22.29 -27.74
N PRO A 383 5.56 21.16 -27.20
CA PRO A 383 6.53 20.37 -27.96
C PRO A 383 5.82 19.80 -29.19
N LYS A 384 6.56 19.60 -30.29
CA LYS A 384 5.96 19.06 -31.51
C LYS A 384 5.60 17.60 -31.25
N LYS A 385 4.42 17.19 -31.66
CA LYS A 385 3.96 15.82 -31.45
C LYS A 385 3.63 15.52 -29.99
N GLN A 386 3.52 16.56 -29.17
CA GLN A 386 3.19 16.37 -27.76
C GLN A 386 1.79 15.76 -27.75
N GLY A 387 0.82 16.49 -28.32
CA GLY A 387 -0.55 15.99 -28.37
C GLY A 387 -0.61 14.55 -28.85
N LEU A 388 0.27 14.22 -29.79
CA LEU A 388 0.31 12.87 -30.34
C LEU A 388 0.75 11.91 -29.24
N LEU A 389 1.89 12.21 -28.62
CA LEU A 389 2.41 11.37 -27.55
C LEU A 389 1.43 11.27 -26.41
N VAL A 390 0.88 12.41 -26.00
CA VAL A 390 -0.09 12.44 -24.91
C VAL A 390 -1.23 11.51 -25.26
N ASP A 391 -1.85 11.73 -26.40
CA ASP A 391 -2.97 10.90 -26.84
C ASP A 391 -2.60 9.42 -26.89
N LEU A 392 -1.36 9.12 -27.27
CA LEU A 392 -0.93 7.73 -27.34
C LEU A 392 -0.77 7.13 -25.93
N LEU A 393 -0.23 7.92 -25.01
CA LEU A 393 -0.04 7.48 -23.63
C LEU A 393 -1.43 7.14 -23.08
N PHE A 394 -2.41 7.98 -23.43
CA PHE A 394 -3.79 7.81 -23.00
C PHE A 394 -4.29 6.39 -23.28
N TRP A 395 -4.36 6.02 -24.55
CA TRP A 395 -4.85 4.69 -24.89
C TRP A 395 -3.92 3.56 -24.47
N ALA A 396 -2.81 3.89 -23.85
CA ALA A 396 -1.88 2.87 -23.38
C ALA A 396 -2.36 2.40 -22.01
N LEU A 397 -2.58 3.34 -21.10
CA LEU A 397 -3.05 3.01 -19.76
C LEU A 397 -4.42 2.37 -19.85
N VAL A 398 -5.31 2.99 -20.63
CA VAL A 398 -6.66 2.49 -20.81
C VAL A 398 -6.63 1.00 -21.15
N VAL A 399 -5.57 0.58 -21.85
CA VAL A 399 -5.42 -0.82 -22.23
C VAL A 399 -4.88 -1.57 -21.03
N LEU A 400 -3.80 -1.04 -20.46
CA LEU A 400 -3.16 -1.65 -19.28
C LEU A 400 -4.20 -1.93 -18.21
N VAL A 401 -5.05 -0.94 -17.94
CA VAL A 401 -6.10 -1.05 -16.92
C VAL A 401 -7.11 -2.12 -17.29
N GLY A 402 -7.86 -1.86 -18.37
CA GLY A 402 -8.85 -2.82 -18.82
C GLY A 402 -8.22 -4.20 -19.02
N GLY A 403 -7.02 -4.20 -19.61
CA GLY A 403 -6.30 -5.43 -19.87
C GLY A 403 -5.87 -6.18 -18.62
N SER A 404 -5.03 -5.56 -17.79
CA SER A 404 -4.56 -6.22 -16.57
C SER A 404 -5.69 -6.76 -15.71
N MET A 405 -6.82 -6.04 -15.68
CA MET A 405 -7.97 -6.47 -14.91
C MET A 405 -8.58 -7.73 -15.52
N ILE A 406 -8.68 -7.76 -16.85
CA ILE A 406 -9.21 -8.94 -17.53
C ILE A 406 -8.32 -10.11 -17.16
N GLY A 407 -7.01 -9.87 -17.23
CA GLY A 407 -6.04 -10.88 -16.89
C GLY A 407 -6.24 -11.47 -15.51
N GLN A 408 -6.41 -10.60 -14.51
CA GLN A 408 -6.63 -11.04 -13.13
C GLN A 408 -7.84 -11.96 -13.03
N TRP A 409 -8.89 -11.65 -13.78
CA TRP A 409 -10.09 -12.48 -13.75
C TRP A 409 -9.76 -13.86 -14.30
N LEU A 410 -9.24 -13.89 -15.53
CA LEU A 410 -8.86 -15.13 -16.18
C LEU A 410 -7.85 -15.93 -15.36
N GLY A 411 -6.87 -15.22 -14.80
CA GLY A 411 -5.85 -15.86 -14.00
C GLY A 411 -6.37 -16.53 -12.74
N VAL A 412 -7.10 -15.79 -11.91
CA VAL A 412 -7.64 -16.35 -10.67
C VAL A 412 -8.57 -17.51 -11.00
N ASN A 413 -9.38 -17.33 -12.03
CA ASN A 413 -10.34 -18.36 -12.41
C ASN A 413 -9.78 -19.63 -13.02
N GLY A 414 -8.59 -19.56 -13.60
CA GLY A 414 -7.98 -20.75 -14.19
C GLY A 414 -8.06 -20.83 -15.70
N TYR A 415 -8.73 -19.88 -16.33
CA TYR A 415 -8.85 -19.86 -17.79
C TYR A 415 -7.56 -19.38 -18.42
N LEU A 416 -6.46 -19.71 -17.77
CA LEU A 416 -5.12 -19.34 -18.24
C LEU A 416 -4.23 -20.53 -17.91
N GLY A 417 -3.15 -20.68 -18.65
CA GLY A 417 -2.26 -21.80 -18.39
C GLY A 417 -1.09 -21.37 -17.55
N ASN A 418 0.10 -21.52 -18.11
CA ASN A 418 1.30 -21.13 -17.42
C ASN A 418 1.48 -19.63 -17.67
N GLU A 419 0.41 -19.01 -18.17
CA GLU A 419 0.42 -17.58 -18.47
C GLU A 419 -0.16 -16.75 -17.31
N TRP A 420 -0.45 -17.41 -16.18
CA TRP A 420 -1.01 -16.71 -15.03
C TRP A 420 -0.05 -15.65 -14.50
N PHE A 421 1.22 -16.02 -14.36
CA PHE A 421 2.20 -15.08 -13.85
C PHE A 421 2.50 -13.97 -14.84
N LEU A 422 2.47 -14.29 -16.13
CA LEU A 422 2.76 -13.28 -17.13
C LEU A 422 1.57 -12.40 -17.47
N LEU A 423 0.38 -12.98 -17.42
CA LEU A 423 -0.82 -12.22 -17.78
C LEU A 423 -1.94 -12.22 -16.74
N GLY A 424 -1.91 -13.17 -15.81
CA GLY A 424 -2.98 -13.25 -14.83
C GLY A 424 -2.84 -12.45 -13.56
N HIS A 425 -2.99 -13.15 -12.43
CA HIS A 425 -2.91 -12.57 -11.11
C HIS A 425 -1.59 -13.01 -10.49
N GLN A 426 -0.68 -12.07 -10.27
CA GLN A 426 0.61 -12.36 -9.70
C GLN A 426 0.54 -12.83 -8.24
N GLY A 427 -0.57 -12.55 -7.57
CA GLY A 427 -0.76 -13.02 -6.20
C GLY A 427 -0.19 -12.26 -5.02
N TRP A 428 0.13 -10.98 -5.22
CA TRP A 428 0.65 -10.17 -4.13
C TRP A 428 -0.31 -9.01 -3.99
N GLU A 429 -0.79 -8.77 -2.77
CA GLU A 429 -1.70 -7.65 -2.55
C GLU A 429 -0.94 -6.37 -2.93
N TYR A 430 -1.62 -5.50 -3.66
CA TYR A 430 -1.07 -4.24 -4.14
C TYR A 430 -0.27 -4.46 -5.43
N ILE A 431 0.20 -5.68 -5.66
CA ILE A 431 0.90 -5.99 -6.91
C ILE A 431 0.23 -7.20 -7.53
N GLU A 432 -1.03 -7.01 -7.92
CA GLU A 432 -1.83 -8.09 -8.49
C GLU A 432 -1.73 -8.28 -9.99
N LEU A 433 -1.25 -7.28 -10.73
CA LEU A 433 -1.12 -7.42 -12.18
C LEU A 433 -0.01 -8.39 -12.58
N GLY A 434 -0.13 -8.93 -13.79
CA GLY A 434 0.85 -9.86 -14.31
C GLY A 434 2.08 -9.12 -14.80
N ARG A 435 3.18 -9.83 -14.79
CA ARG A 435 4.42 -9.21 -15.22
C ARG A 435 4.41 -8.55 -16.59
N ILE A 436 3.88 -9.20 -17.61
CA ILE A 436 3.96 -8.49 -18.87
C ILE A 436 3.13 -7.21 -18.73
N TRP A 437 2.15 -7.22 -17.81
CA TRP A 437 1.32 -6.02 -17.56
C TRP A 437 2.16 -4.97 -16.87
N GLN A 438 3.08 -5.42 -16.02
CA GLN A 438 3.98 -4.52 -15.32
C GLN A 438 4.95 -3.89 -16.30
N ILE A 439 5.39 -4.67 -17.29
CA ILE A 439 6.32 -4.17 -18.30
C ILE A 439 5.68 -3.04 -19.08
N ILE A 440 4.45 -3.22 -19.54
CA ILE A 440 3.82 -2.14 -20.29
C ILE A 440 3.59 -0.94 -19.37
N LEU A 441 3.50 -1.19 -18.06
CA LEU A 441 3.32 -0.12 -17.07
C LEU A 441 4.55 0.80 -17.06
N VAL A 442 5.74 0.23 -16.85
CA VAL A 442 6.99 1.01 -16.83
C VAL A 442 7.22 1.75 -18.15
N VAL A 443 6.92 1.10 -19.27
CA VAL A 443 7.11 1.74 -20.56
C VAL A 443 6.19 2.94 -20.60
N GLY A 444 4.97 2.76 -20.11
CA GLY A 444 4.01 3.86 -20.09
C GLY A 444 4.57 5.02 -19.29
N MET A 445 5.14 4.72 -18.12
CA MET A 445 5.70 5.78 -17.30
C MET A 445 6.91 6.37 -17.98
N LEU A 446 7.75 5.50 -18.55
CA LEU A 446 8.94 5.92 -19.29
C LEU A 446 8.51 6.90 -20.37
N LEU A 447 7.49 6.50 -21.12
CA LEU A 447 6.94 7.38 -22.17
C LEU A 447 6.57 8.67 -21.47
N TRP A 448 5.74 8.54 -20.42
CA TRP A 448 5.29 9.69 -19.65
C TRP A 448 6.46 10.59 -19.32
N LEU A 449 7.51 9.98 -18.80
CA LEU A 449 8.71 10.72 -18.44
C LEU A 449 9.19 11.50 -19.65
N PHE A 450 9.31 10.82 -20.79
CA PHE A 450 9.76 11.47 -22.02
C PHE A 450 8.91 12.71 -22.31
N ILE A 451 7.59 12.54 -22.29
CA ILE A 451 6.65 13.64 -22.53
C ILE A 451 6.92 14.81 -21.58
N VAL A 452 7.18 14.52 -20.31
CA VAL A 452 7.43 15.58 -19.34
C VAL A 452 8.73 16.28 -19.72
N PHE A 453 9.76 15.48 -19.96
CA PHE A 453 11.08 16.00 -20.34
C PHE A 453 11.01 16.87 -21.61
N ARG A 454 10.31 16.40 -22.63
CA ARG A 454 10.19 17.18 -23.86
C ARG A 454 9.68 18.59 -23.56
N GLY A 455 8.63 18.69 -22.75
CA GLY A 455 8.06 20.01 -22.44
C GLY A 455 8.84 20.83 -21.43
N VAL A 456 9.49 20.14 -20.50
CA VAL A 456 10.25 20.79 -19.44
C VAL A 456 11.68 21.08 -19.84
N LYS A 457 12.21 20.27 -20.77
CA LYS A 457 13.59 20.39 -21.24
C LYS A 457 14.19 21.79 -21.23
N ARG A 458 13.57 22.73 -21.95
CA ARG A 458 14.09 24.08 -22.00
C ARG A 458 14.11 24.78 -20.65
N GLY A 459 13.21 24.39 -19.76
CA GLY A 459 13.19 24.99 -18.45
C GLY A 459 14.49 24.61 -17.77
N LEU A 460 14.82 23.32 -17.83
CA LEU A 460 16.05 22.80 -17.24
C LEU A 460 17.26 23.57 -17.79
N LYS A 461 17.15 24.02 -19.04
CA LYS A 461 18.23 24.76 -19.67
C LYS A 461 18.33 26.20 -19.16
N ARG A 462 17.19 26.87 -19.01
CA ARG A 462 17.20 28.24 -18.50
C ARG A 462 17.61 28.24 -17.02
N GLU A 463 17.22 27.19 -16.29
CA GLU A 463 17.55 27.13 -14.87
C GLU A 463 19.00 26.82 -14.62
N SER A 464 19.72 27.86 -14.19
CA SER A 464 21.13 27.78 -13.89
C SER A 464 21.45 26.82 -12.75
N ASP A 465 20.88 27.11 -11.58
CA ASP A 465 21.06 26.32 -10.37
C ASP A 465 20.58 24.88 -10.62
N LYS A 466 21.51 23.95 -10.76
CA LYS A 466 21.14 22.55 -11.02
C LYS A 466 20.33 21.88 -9.92
N GLY A 467 20.10 22.61 -8.83
CA GLY A 467 19.32 22.06 -7.72
C GLY A 467 18.12 22.95 -7.49
N GLY A 468 17.72 23.65 -8.56
CA GLY A 468 16.59 24.56 -8.50
C GLY A 468 15.24 23.88 -8.63
N LEU A 469 14.19 24.69 -8.62
CA LEU A 469 12.84 24.16 -8.71
C LEU A 469 12.64 23.19 -9.86
N ILE A 470 12.91 23.63 -11.08
CA ILE A 470 12.74 22.79 -12.26
C ILE A 470 13.58 21.51 -12.25
N HIS A 471 14.77 21.58 -11.67
CA HIS A 471 15.63 20.40 -11.61
C HIS A 471 15.04 19.40 -10.62
N LEU A 472 14.58 19.91 -9.48
CA LEU A 472 13.97 19.06 -8.46
C LEU A 472 12.70 18.46 -9.04
N LEU A 473 11.95 19.26 -9.79
CA LEU A 473 10.73 18.77 -10.42
C LEU A 473 11.06 17.63 -11.38
N PHE A 474 12.16 17.77 -12.13
CA PHE A 474 12.55 16.74 -13.08
C PHE A 474 13.19 15.52 -12.42
N TYR A 475 14.07 15.73 -11.44
CA TYR A 475 14.68 14.58 -10.77
C TYR A 475 13.62 13.67 -10.16
N SER A 476 12.65 14.27 -9.45
CA SER A 476 11.59 13.50 -8.81
C SER A 476 10.68 12.81 -9.83
N ALA A 477 10.41 13.49 -10.94
CA ALA A 477 9.57 12.94 -11.99
C ALA A 477 10.17 11.64 -12.50
N ILE A 478 11.49 11.56 -12.58
CA ILE A 478 12.11 10.34 -13.09
C ILE A 478 12.06 9.18 -12.10
N ALA A 479 11.99 9.48 -10.80
CA ALA A 479 11.93 8.43 -9.80
C ALA A 479 10.63 7.63 -10.00
N VAL A 480 9.64 8.27 -10.61
CA VAL A 480 8.36 7.58 -10.83
C VAL A 480 8.59 6.25 -11.54
N PRO A 481 8.97 6.26 -12.83
CA PRO A 481 9.19 4.99 -13.53
C PRO A 481 10.33 4.16 -12.95
N PHE A 482 11.47 4.79 -12.72
CA PHE A 482 12.63 4.10 -12.17
C PHE A 482 12.33 3.22 -10.97
N PHE A 483 11.83 3.83 -9.91
CA PHE A 483 11.55 3.11 -8.70
C PHE A 483 10.64 1.91 -8.78
N TYR A 484 9.80 1.81 -9.81
CA TYR A 484 8.91 0.66 -9.91
C TYR A 484 9.67 -0.58 -10.36
N ILE A 485 10.84 -0.37 -10.94
CA ILE A 485 11.65 -1.46 -11.43
C ILE A 485 12.04 -2.47 -10.35
N PHE A 486 12.12 -2.03 -9.09
CA PHE A 486 12.47 -2.95 -8.00
C PHE A 486 11.45 -4.07 -7.83
N ALA A 487 10.27 -3.90 -8.41
CA ALA A 487 9.25 -4.91 -8.32
C ALA A 487 9.71 -6.17 -9.03
N PHE A 488 10.53 -5.99 -10.06
CA PHE A 488 11.02 -7.12 -10.83
C PHE A 488 11.96 -8.04 -10.06
N PHE A 489 12.38 -7.63 -8.87
CA PHE A 489 13.23 -8.51 -8.06
C PHE A 489 12.33 -9.56 -7.45
N ILE A 490 11.04 -9.46 -7.75
CA ILE A 490 10.05 -10.39 -7.21
C ILE A 490 9.45 -11.34 -8.24
N GLN A 491 9.37 -12.62 -7.90
CA GLN A 491 8.73 -13.60 -8.76
C GLN A 491 8.41 -14.83 -7.95
N PRO A 492 7.48 -15.67 -8.45
CA PRO A 492 7.01 -16.87 -7.77
C PRO A 492 7.91 -17.74 -6.88
N ASP A 493 9.17 -17.90 -7.24
CA ASP A 493 10.05 -18.76 -6.43
C ASP A 493 10.89 -18.04 -5.38
N THR A 494 10.76 -16.72 -5.32
CA THR A 494 11.49 -15.92 -4.33
C THR A 494 11.00 -16.31 -2.94
N ASN A 495 11.88 -16.29 -1.94
CA ASN A 495 11.48 -16.63 -0.57
C ASN A 495 10.44 -15.59 -0.18
N PHE A 496 9.40 -16.02 0.52
CA PHE A 496 8.34 -15.09 0.90
C PHE A 496 8.81 -13.82 1.58
N THR A 497 9.68 -13.99 2.57
CA THR A 497 10.18 -12.84 3.31
C THR A 497 11.00 -11.90 2.48
N MET A 498 11.80 -12.45 1.59
CA MET A 498 12.62 -11.61 0.76
C MET A 498 11.80 -10.90 -0.30
N ALA A 499 10.79 -11.58 -0.84
CA ALA A 499 9.95 -10.98 -1.85
C ALA A 499 9.10 -9.89 -1.22
N ASP A 500 8.68 -10.11 0.02
CA ASP A 500 7.88 -9.14 0.74
C ASP A 500 8.75 -7.91 0.99
N PHE A 501 10.01 -8.15 1.29
CA PHE A 501 10.95 -7.08 1.50
C PHE A 501 10.89 -6.12 0.30
N TRP A 502 11.00 -6.66 -0.92
CA TRP A 502 10.96 -5.80 -2.11
C TRP A 502 9.57 -5.23 -2.39
N ARG A 503 8.53 -6.01 -2.11
CA ARG A 503 7.15 -5.55 -2.34
C ARG A 503 6.92 -4.20 -1.65
N TRP A 504 7.43 -4.07 -0.42
CA TRP A 504 7.24 -2.83 0.29
C TRP A 504 7.98 -1.64 -0.30
N TRP A 505 8.98 -1.89 -1.13
CA TRP A 505 9.70 -0.79 -1.78
C TRP A 505 8.67 -0.12 -2.68
N ILE A 506 7.74 -0.91 -3.20
CA ILE A 506 6.72 -0.35 -4.09
C ILE A 506 5.54 0.24 -3.33
N ILE A 507 5.11 -0.43 -2.27
CA ILE A 507 3.98 0.05 -1.49
C ILE A 507 4.31 1.25 -0.63
N HIS A 508 5.36 1.13 0.16
CA HIS A 508 5.80 2.17 1.10
C HIS A 508 6.76 3.23 0.55
N LEU A 509 7.66 2.86 -0.35
CA LEU A 509 8.61 3.84 -0.90
C LEU A 509 8.16 4.43 -2.23
N TRP A 510 7.64 3.60 -3.12
CA TRP A 510 7.22 4.08 -4.44
C TRP A 510 5.95 4.91 -4.44
N VAL A 511 4.84 4.28 -4.10
CA VAL A 511 3.55 4.97 -4.08
C VAL A 511 3.65 6.29 -3.33
N GLU A 512 4.38 6.27 -2.24
CA GLU A 512 4.56 7.44 -1.41
C GLU A 512 5.73 8.32 -1.91
N GLY A 513 6.39 7.86 -2.97
CA GLY A 513 7.49 8.61 -3.57
C GLY A 513 6.84 9.39 -4.70
N ILE A 514 5.77 8.82 -5.27
CA ILE A 514 5.03 9.47 -6.33
C ILE A 514 4.35 10.68 -5.70
N PHE A 515 3.84 10.49 -4.50
CA PHE A 515 3.08 11.55 -3.83
C PHE A 515 3.74 12.46 -2.82
N GLU A 516 4.75 12.00 -2.11
CA GLU A 516 5.32 12.86 -1.11
C GLU A 516 6.51 13.64 -1.63
N VAL A 517 6.89 13.41 -2.87
CA VAL A 517 8.01 14.14 -3.42
C VAL A 517 7.66 14.83 -4.73
N PHE A 518 7.17 14.05 -5.69
CA PHE A 518 6.80 14.63 -6.97
C PHE A 518 5.67 15.62 -6.79
N ALA A 519 4.60 15.18 -6.13
CA ALA A 519 3.42 16.02 -5.88
C ALA A 519 3.80 17.29 -5.16
N VAL A 520 4.63 17.15 -4.12
CA VAL A 520 5.05 18.29 -3.34
C VAL A 520 5.83 19.33 -4.14
N VAL A 521 6.75 18.88 -4.99
CA VAL A 521 7.51 19.83 -5.78
C VAL A 521 6.57 20.43 -6.83
N VAL A 522 5.63 19.64 -7.33
CA VAL A 522 4.67 20.15 -8.30
C VAL A 522 3.83 21.28 -7.71
N ILE A 523 3.50 21.18 -6.42
CA ILE A 523 2.71 22.22 -5.77
C ILE A 523 3.55 23.47 -5.52
N GLY A 524 4.82 23.26 -5.17
CA GLY A 524 5.70 24.39 -4.93
C GLY A 524 5.80 25.17 -6.22
N PHE A 525 5.92 24.44 -7.32
CA PHE A 525 5.99 25.04 -8.64
C PHE A 525 4.73 25.86 -8.92
N LEU A 526 3.56 25.25 -8.73
CA LEU A 526 2.29 25.94 -8.94
C LEU A 526 2.14 27.20 -8.09
N LEU A 527 2.54 27.13 -6.82
CA LEU A 527 2.44 28.30 -5.96
C LEU A 527 3.47 29.38 -6.31
N VAL A 528 4.59 28.98 -6.89
CA VAL A 528 5.61 29.92 -7.29
C VAL A 528 5.14 30.61 -8.58
N GLN A 529 4.49 29.81 -9.43
CA GLN A 529 3.96 30.28 -10.71
C GLN A 529 2.84 31.31 -10.52
N LEU A 530 1.93 31.02 -9.58
CA LEU A 530 0.82 31.93 -9.29
C LEU A 530 1.36 33.15 -8.59
N ARG A 531 2.66 33.13 -8.30
CA ARG A 531 3.30 34.24 -7.62
C ARG A 531 2.75 34.42 -6.20
N LEU A 532 2.48 33.32 -5.50
CA LEU A 532 1.96 33.38 -4.14
C LEU A 532 3.08 33.22 -3.11
N VAL A 533 4.12 32.47 -3.49
CA VAL A 533 5.27 32.24 -2.61
C VAL A 533 6.56 32.47 -3.39
N THR A 534 7.58 32.99 -2.73
CA THR A 534 8.84 33.24 -3.40
C THR A 534 9.49 31.94 -3.79
N LYS A 535 10.11 31.93 -4.98
CA LYS A 535 10.78 30.76 -5.51
C LYS A 535 11.92 30.33 -4.62
N LYS A 536 12.73 31.30 -4.17
CA LYS A 536 13.86 30.98 -3.31
C LYS A 536 13.34 30.26 -2.08
N SER A 537 12.38 30.90 -1.43
CA SER A 537 11.74 30.37 -0.24
C SER A 537 11.29 28.92 -0.46
N THR A 538 10.65 28.68 -1.60
CA THR A 538 10.17 27.35 -1.90
C THR A 538 11.23 26.25 -2.05
N VAL A 539 12.26 26.45 -2.86
CA VAL A 539 13.21 25.35 -3.04
C VAL A 539 13.92 24.97 -1.74
N ARG A 540 14.21 25.95 -0.89
CA ARG A 540 14.87 25.65 0.39
C ARG A 540 13.93 24.77 1.22
N ALA A 541 12.64 25.12 1.20
CA ALA A 541 11.63 24.37 1.92
C ALA A 541 11.64 22.92 1.47
N LEU A 542 11.63 22.72 0.15
CA LEU A 542 11.61 21.37 -0.41
C LEU A 542 12.80 20.55 0.05
N TYR A 543 13.96 21.19 0.16
CA TYR A 543 15.15 20.48 0.58
C TYR A 543 14.97 19.94 2.00
N PHE A 544 14.54 20.81 2.90
CA PHE A 544 14.30 20.45 4.29
C PHE A 544 13.29 19.31 4.39
N GLN A 545 12.21 19.39 3.63
CA GLN A 545 11.18 18.35 3.65
C GLN A 545 11.70 17.05 3.15
N PHE A 546 12.34 17.10 2.00
CA PHE A 546 12.87 15.88 1.42
C PHE A 546 13.84 15.17 2.33
N THR A 547 14.72 15.93 2.99
CA THR A 547 15.67 15.28 3.88
C THR A 547 14.96 14.63 5.07
N ILE A 548 14.04 15.33 5.73
CA ILE A 548 13.35 14.73 6.88
C ILE A 548 12.38 13.64 6.42
N LEU A 549 11.83 13.81 5.23
CA LEU A 549 10.91 12.82 4.67
C LEU A 549 11.67 11.52 4.33
N LEU A 550 12.81 11.63 3.64
CA LEU A 550 13.61 10.47 3.28
C LEU A 550 14.45 9.99 4.44
N GLY A 551 14.80 10.93 5.32
CA GLY A 551 15.61 10.60 6.49
C GLY A 551 14.90 9.66 7.46
N SER A 552 13.59 9.57 7.36
CA SER A 552 12.85 8.70 8.25
C SER A 552 12.16 7.61 7.45
N GLY A 553 11.51 8.02 6.37
CA GLY A 553 10.76 7.10 5.54
C GLY A 553 11.48 5.97 4.82
N VAL A 554 12.70 6.22 4.37
CA VAL A 554 13.44 5.19 3.69
C VAL A 554 13.68 4.00 4.60
N ILE A 555 14.24 4.25 5.79
CA ILE A 555 14.49 3.14 6.71
C ILE A 555 13.19 2.74 7.40
N GLY A 556 12.30 3.72 7.59
CA GLY A 556 11.02 3.48 8.25
C GLY A 556 10.22 2.38 7.58
N ILE A 557 10.61 2.05 6.34
CA ILE A 557 9.96 0.99 5.57
C ILE A 557 9.92 -0.26 6.44
N GLY A 558 10.93 -0.36 7.30
CA GLY A 558 11.05 -1.48 8.20
C GLY A 558 9.89 -1.88 9.09
N HIS A 559 9.00 -0.97 9.46
CA HIS A 559 7.90 -1.39 10.32
C HIS A 559 7.04 -2.44 9.64
N HIS A 560 7.27 -2.67 8.36
CA HIS A 560 6.52 -3.71 7.65
C HIS A 560 7.28 -5.02 7.83
N TYR A 561 8.49 -4.94 8.37
CA TYR A 561 9.29 -6.15 8.56
C TYR A 561 9.31 -6.65 10.01
N TYR A 562 8.46 -6.09 10.87
CA TYR A 562 8.43 -6.54 12.27
C TYR A 562 8.16 -8.03 12.35
N TYR A 563 7.18 -8.49 11.59
CA TYR A 563 6.78 -9.88 11.66
C TYR A 563 6.64 -10.71 10.40
N ASN A 564 7.18 -10.24 9.28
CA ASN A 564 7.05 -10.99 8.03
C ASN A 564 8.16 -12.04 7.90
N GLY A 565 8.91 -12.26 8.97
CA GLY A 565 9.97 -13.25 8.94
C GLY A 565 11.39 -12.69 8.93
N SER A 566 11.50 -11.38 8.84
CA SER A 566 12.77 -10.69 8.80
C SER A 566 13.47 -10.75 10.16
N PRO A 567 14.82 -10.65 10.16
CA PRO A 567 15.52 -10.70 11.44
C PRO A 567 15.11 -9.62 12.46
N GLU A 568 15.21 -9.98 13.72
CA GLU A 568 14.87 -9.10 14.84
C GLU A 568 15.44 -7.68 14.75
N VAL A 569 16.49 -7.49 13.98
CA VAL A 569 17.09 -6.17 13.87
C VAL A 569 16.12 -5.14 13.30
N TRP A 570 15.22 -5.60 12.45
CA TRP A 570 14.26 -4.67 11.87
C TRP A 570 13.21 -4.13 12.85
N ILE A 571 13.05 -4.78 14.00
CA ILE A 571 12.11 -4.26 14.98
C ILE A 571 12.65 -2.91 15.49
N ALA A 572 13.94 -2.83 15.76
CA ALA A 572 14.55 -1.60 16.24
C ALA A 572 14.58 -0.58 15.10
N LEU A 573 15.19 -0.97 13.98
CA LEU A 573 15.30 -0.09 12.81
C LEU A 573 13.96 0.45 12.36
N GLY A 574 12.99 -0.45 12.20
CA GLY A 574 11.66 -0.05 11.77
C GLY A 574 10.93 0.82 12.79
N ALA A 575 10.90 0.39 14.05
CA ALA A 575 10.21 1.17 15.09
C ALA A 575 10.77 2.58 15.20
N VAL A 576 12.09 2.71 15.17
CA VAL A 576 12.73 4.01 15.31
C VAL A 576 12.55 4.96 14.14
N PHE A 577 12.75 4.47 12.92
CA PHE A 577 12.59 5.35 11.77
C PHE A 577 11.15 5.65 11.33
N SER A 578 10.23 4.74 11.57
CA SER A 578 8.86 5.02 11.19
C SER A 578 8.30 6.06 12.17
N ALA A 579 8.72 5.99 13.42
CA ALA A 579 8.22 6.96 14.40
C ALA A 579 8.70 8.36 14.02
N LEU A 580 9.87 8.45 13.39
CA LEU A 580 10.40 9.77 13.00
C LEU A 580 9.63 10.33 11.83
N GLU A 581 8.83 9.49 11.19
CA GLU A 581 8.02 9.91 10.03
C GLU A 581 6.95 10.91 10.44
N VAL A 582 6.60 10.89 11.72
CA VAL A 582 5.62 11.79 12.30
C VAL A 582 6.10 13.25 12.33
N ILE A 583 7.42 13.45 12.42
CA ILE A 583 7.97 14.80 12.47
C ILE A 583 7.51 15.73 11.34
N PRO A 584 7.68 15.33 10.06
CA PRO A 584 7.26 16.16 8.92
C PRO A 584 5.76 16.43 8.97
N LEU A 585 5.02 15.49 9.54
CA LEU A 585 3.57 15.53 9.67
C LEU A 585 3.00 16.55 10.61
N THR A 586 3.77 16.95 11.61
CA THR A 586 3.26 17.92 12.55
C THR A 586 3.45 19.33 12.02
N LEU A 587 4.35 19.49 11.06
CA LEU A 587 4.58 20.79 10.43
C LEU A 587 3.54 20.82 9.31
N LEU A 588 2.33 20.34 9.64
CA LEU A 588 1.25 20.25 8.66
C LEU A 588 0.02 21.05 9.04
N ILE A 589 -0.62 20.68 10.14
CA ILE A 589 -1.83 21.39 10.58
C ILE A 589 -1.60 22.91 10.50
N LEU A 590 -0.33 23.27 10.57
CA LEU A 590 0.12 24.66 10.52
C LEU A 590 0.52 25.11 9.12
N GLU A 591 0.71 24.16 8.21
CA GLU A 591 1.02 24.49 6.83
C GLU A 591 -0.35 24.66 6.14
N ALA A 592 -1.31 23.88 6.60
CA ALA A 592 -2.66 23.94 6.09
C ALA A 592 -3.21 25.32 6.41
N TYR A 593 -2.84 25.83 7.58
CA TYR A 593 -3.30 27.13 7.99
C TYR A 593 -2.70 28.24 7.12
N GLU A 594 -1.42 28.11 6.79
CA GLU A 594 -0.79 29.12 5.95
C GLU A 594 -1.48 29.14 4.59
N GLN A 595 -1.97 27.98 4.17
CA GLN A 595 -2.66 27.83 2.90
C GLN A 595 -4.07 28.36 2.98
N TYR A 596 -4.71 28.12 4.11
CA TYR A 596 -6.05 28.62 4.35
C TYR A 596 -5.94 30.13 4.33
N LYS A 597 -4.89 30.62 4.96
CA LYS A 597 -4.64 32.03 5.04
C LYS A 597 -4.54 32.70 3.69
N MET A 598 -3.65 32.24 2.81
CA MET A 598 -3.55 32.89 1.51
C MET A 598 -4.77 32.65 0.64
N MET A 599 -5.54 31.62 0.93
CA MET A 599 -6.76 31.35 0.19
C MET A 599 -7.71 32.50 0.50
N ARG A 600 -7.65 33.00 1.72
CA ARG A 600 -8.49 34.12 2.12
C ARG A 600 -7.95 35.43 1.57
N ASP A 601 -6.62 35.55 1.51
CA ASP A 601 -6.01 36.75 0.99
C ASP A 601 -6.53 36.97 -0.44
N GLY A 602 -7.03 35.91 -1.04
CA GLY A 602 -7.64 35.99 -2.36
C GLY A 602 -9.10 36.02 -1.98
N GLY A 603 -9.87 36.97 -2.51
CA GLY A 603 -11.27 37.08 -2.12
C GLY A 603 -12.15 35.89 -2.44
N ALA A 604 -13.45 36.15 -2.56
CA ALA A 604 -14.41 35.11 -2.89
C ALA A 604 -14.28 34.85 -4.40
N ASN A 605 -13.44 35.65 -5.05
CA ASN A 605 -13.21 35.51 -6.48
C ASN A 605 -11.90 34.77 -6.71
N PHE A 606 -11.38 34.15 -5.66
CA PHE A 606 -10.14 33.40 -5.76
C PHE A 606 -10.41 32.18 -6.62
N PRO A 607 -9.79 32.12 -7.82
CA PRO A 607 -9.97 31.00 -8.74
C PRO A 607 -9.69 29.59 -8.19
N TYR A 608 -8.75 29.45 -7.27
CA TYR A 608 -8.47 28.11 -6.79
C TYR A 608 -9.01 27.67 -5.43
N LYS A 609 -10.22 28.10 -5.08
CA LYS A 609 -10.85 27.74 -3.82
C LYS A 609 -10.94 26.22 -3.63
N ALA A 610 -11.58 25.54 -4.58
CA ALA A 610 -11.74 24.10 -4.46
C ALA A 610 -10.41 23.40 -4.27
N THR A 611 -9.41 23.77 -5.07
CA THR A 611 -8.09 23.17 -4.99
C THR A 611 -7.55 23.28 -3.55
N PHE A 612 -7.57 24.49 -2.99
CA PHE A 612 -7.09 24.68 -1.63
C PHE A 612 -7.91 23.93 -0.57
N TRP A 613 -9.22 23.78 -0.78
CA TRP A 613 -9.98 23.04 0.22
C TRP A 613 -9.49 21.61 0.29
N PHE A 614 -9.10 21.05 -0.85
CA PHE A 614 -8.63 19.67 -0.88
C PHE A 614 -7.19 19.62 -0.41
N LEU A 615 -6.46 20.70 -0.66
CA LEU A 615 -5.08 20.82 -0.23
C LEU A 615 -5.04 20.81 1.30
N ILE A 616 -5.85 21.69 1.91
CA ILE A 616 -5.93 21.80 3.38
C ILE A 616 -6.30 20.45 3.97
N SER A 617 -7.22 19.79 3.31
CA SER A 617 -7.65 18.48 3.81
C SER A 617 -6.55 17.46 3.76
N THR A 618 -5.78 17.52 2.70
CA THR A 618 -4.70 16.55 2.55
C THR A 618 -3.83 16.71 3.75
N ALA A 619 -3.67 17.96 4.13
CA ALA A 619 -2.79 18.16 5.25
C ALA A 619 -3.30 17.71 6.58
N ILE A 620 -4.58 17.92 6.82
CA ILE A 620 -5.13 17.54 8.10
C ILE A 620 -5.21 16.02 8.19
N TRP A 621 -5.55 15.36 7.08
CA TRP A 621 -5.62 13.90 7.09
C TRP A 621 -4.21 13.33 7.19
N ASN A 622 -3.22 14.12 6.83
CA ASN A 622 -1.86 13.62 6.96
C ASN A 622 -1.51 13.51 8.42
N LEU A 623 -2.00 14.46 9.22
CA LEU A 623 -1.76 14.42 10.66
C LEU A 623 -2.64 13.36 11.31
N VAL A 624 -3.92 13.33 10.96
CA VAL A 624 -4.84 12.37 11.56
C VAL A 624 -4.82 10.97 10.97
N GLY A 625 -4.87 10.88 9.65
CA GLY A 625 -4.86 9.57 9.01
C GLY A 625 -3.53 8.83 9.11
N ALA A 626 -2.46 9.45 8.64
CA ALA A 626 -1.15 8.82 8.67
C ALA A 626 -0.52 9.01 10.04
N GLY A 627 -0.58 10.26 10.50
CA GLY A 627 0.01 10.57 11.79
C GLY A 627 -0.55 9.83 12.97
N VAL A 628 -1.78 10.11 13.35
CA VAL A 628 -2.29 9.46 14.54
C VAL A 628 -2.82 8.05 14.32
N PHE A 629 -3.60 7.81 13.28
CA PHE A 629 -4.08 6.45 13.08
C PHE A 629 -2.94 5.49 12.72
N GLY A 630 -1.96 5.98 11.97
CA GLY A 630 -0.83 5.15 11.60
C GLY A 630 -0.01 4.82 12.84
N PHE A 631 0.12 5.79 13.75
CA PHE A 631 0.89 5.56 14.95
C PHE A 631 0.14 4.70 15.95
N LEU A 632 -1.18 4.69 15.84
CA LEU A 632 -1.96 3.86 16.76
C LEU A 632 -1.55 2.41 16.61
N ILE A 633 -1.00 2.05 15.45
CA ILE A 633 -0.61 0.67 15.23
C ILE A 633 0.88 0.47 14.93
N ASN A 634 1.70 1.47 15.24
CA ASN A 634 3.12 1.40 14.93
C ASN A 634 4.02 0.75 15.99
N LEU A 635 3.69 0.94 17.26
CA LEU A 635 4.48 0.35 18.33
C LEU A 635 4.63 -1.18 18.16
N PRO A 636 5.86 -1.70 18.22
CA PRO A 636 6.03 -3.15 18.07
C PRO A 636 5.25 -3.96 19.10
N ALA A 637 5.04 -3.38 20.28
CA ALA A 637 4.29 -4.05 21.34
C ALA A 637 2.80 -4.14 20.98
N VAL A 638 2.30 -3.12 20.31
CA VAL A 638 0.90 -3.10 19.87
C VAL A 638 0.72 -3.94 18.61
N SER A 639 1.59 -3.71 17.63
CA SER A 639 1.55 -4.41 16.35
C SER A 639 1.60 -5.93 16.52
N TYR A 640 2.27 -6.37 17.58
CA TYR A 640 2.37 -7.79 17.88
C TYR A 640 1.00 -8.46 17.84
N PHE A 641 -0.02 -7.79 18.35
CA PHE A 641 -1.39 -8.29 18.38
C PHE A 641 -2.19 -7.75 17.20
N GLU A 642 -2.00 -6.47 16.88
CA GLU A 642 -2.73 -5.81 15.82
C GLU A 642 -2.41 -6.18 14.37
N HIS A 643 -1.12 -6.36 14.06
CA HIS A 643 -0.64 -6.73 12.71
C HIS A 643 -1.62 -7.63 11.95
N GLY A 644 -2.10 -7.13 10.83
CA GLY A 644 -3.04 -7.90 10.03
C GLY A 644 -4.48 -7.85 10.56
N GLN A 645 -4.91 -6.71 11.11
CA GLN A 645 -6.27 -6.58 11.63
C GLN A 645 -6.97 -5.30 11.13
N PHE A 646 -8.24 -5.17 11.48
CA PHE A 646 -9.06 -4.02 11.06
C PHE A 646 -8.54 -2.61 11.33
N LEU A 647 -7.64 -2.46 12.29
CA LEU A 647 -7.14 -1.11 12.54
C LEU A 647 -6.24 -0.72 11.39
N THR A 648 -5.64 -1.70 10.75
CA THR A 648 -4.76 -1.43 9.61
C THR A 648 -5.57 -0.80 8.47
N PRO A 649 -6.75 -1.36 8.15
CA PRO A 649 -7.53 -0.72 7.08
C PRO A 649 -8.06 0.65 7.57
N ALA A 650 -8.33 0.75 8.88
CA ALA A 650 -8.81 2.01 9.44
C ALA A 650 -7.83 3.09 9.05
N HIS A 651 -6.56 2.82 9.37
CA HIS A 651 -5.45 3.72 9.07
C HIS A 651 -5.30 3.79 7.55
N GLY A 652 -5.30 2.62 6.90
CA GLY A 652 -5.18 2.57 5.47
C GLY A 652 -6.08 3.54 4.70
N HIS A 653 -7.34 3.68 5.11
CA HIS A 653 -8.23 4.60 4.41
C HIS A 653 -8.00 6.04 4.79
N ALA A 654 -7.89 6.27 6.09
CA ALA A 654 -7.66 7.62 6.59
C ALA A 654 -6.46 8.20 5.88
N ALA A 655 -5.41 7.40 5.73
CA ALA A 655 -4.19 7.84 5.07
C ALA A 655 -4.26 7.84 3.55
N MET A 656 -4.55 6.69 2.96
CA MET A 656 -4.60 6.61 1.50
C MET A 656 -5.56 7.61 0.87
N MET A 657 -6.84 7.48 1.20
CA MET A 657 -7.83 8.40 0.64
C MET A 657 -7.68 9.79 1.26
N GLY A 658 -7.51 9.84 2.58
CA GLY A 658 -7.39 11.12 3.25
C GLY A 658 -6.25 12.00 2.80
N VAL A 659 -5.12 11.38 2.47
CA VAL A 659 -3.95 12.13 2.01
C VAL A 659 -3.79 12.10 0.50
N TYR A 660 -3.47 10.95 -0.06
CA TYR A 660 -3.27 10.89 -1.50
C TYR A 660 -4.50 11.14 -2.36
N GLY A 661 -5.65 10.57 -1.99
CA GLY A 661 -6.86 10.82 -2.76
C GLY A 661 -7.15 12.32 -2.81
N MET A 662 -7.27 12.95 -1.64
CA MET A 662 -7.54 14.38 -1.58
C MET A 662 -6.55 15.19 -2.39
N PHE A 663 -5.28 14.81 -2.31
CA PHE A 663 -4.22 15.52 -3.05
C PHE A 663 -4.42 15.44 -4.57
N ALA A 664 -4.70 14.24 -5.06
CA ALA A 664 -4.96 14.05 -6.49
C ALA A 664 -6.14 14.95 -6.88
N ILE A 665 -7.23 14.86 -6.10
CA ILE A 665 -8.44 15.67 -6.35
C ILE A 665 -8.09 17.17 -6.34
N ALA A 666 -7.25 17.60 -5.42
CA ALA A 666 -6.88 19.01 -5.41
C ALA A 666 -6.28 19.36 -6.76
N VAL A 667 -5.32 18.56 -7.20
CA VAL A 667 -4.62 18.79 -8.47
C VAL A 667 -5.52 18.57 -9.68
N LEU A 668 -6.44 17.61 -9.58
CA LEU A 668 -7.37 17.33 -10.66
C LEU A 668 -8.23 18.58 -10.94
N LEU A 669 -8.76 19.17 -9.86
CA LEU A 669 -9.59 20.36 -9.96
C LEU A 669 -8.75 21.58 -10.36
N TYR A 670 -7.49 21.59 -9.98
CA TYR A 670 -6.64 22.70 -10.35
C TYR A 670 -6.58 22.75 -11.89
N SER A 671 -6.32 21.62 -12.52
CA SER A 671 -6.23 21.58 -13.98
C SER A 671 -7.58 21.89 -14.64
N LEU A 672 -8.62 21.17 -14.23
CA LEU A 672 -9.95 21.39 -14.77
C LEU A 672 -10.30 22.89 -14.75
N ARG A 673 -9.68 23.65 -13.86
CA ARG A 673 -9.96 25.09 -13.78
C ARG A 673 -9.26 25.91 -14.83
N ASN A 674 -8.12 25.41 -15.31
CA ASN A 674 -7.35 26.08 -16.34
C ASN A 674 -7.87 25.68 -17.71
N ILE A 675 -8.79 24.70 -17.73
CA ILE A 675 -9.36 24.17 -18.97
C ILE A 675 -10.82 24.55 -19.25
N VAL A 676 -11.65 24.61 -18.21
CA VAL A 676 -13.06 24.97 -18.37
C VAL A 676 -13.20 26.48 -18.53
N LYS A 677 -14.24 26.91 -19.25
CA LYS A 677 -14.48 28.34 -19.42
C LYS A 677 -15.02 28.81 -18.07
N PRO A 678 -14.33 29.76 -17.42
CA PRO A 678 -14.70 30.32 -16.12
C PRO A 678 -16.21 30.41 -15.89
N GLU A 679 -16.87 31.20 -16.74
CA GLU A 679 -18.33 31.42 -16.69
C GLU A 679 -19.15 30.14 -16.42
N ALA A 680 -18.64 29.00 -16.88
CA ALA A 680 -19.37 27.74 -16.68
C ALA A 680 -18.96 27.02 -15.39
N TRP A 681 -17.92 27.51 -14.74
CA TRP A 681 -17.44 26.89 -13.51
C TRP A 681 -18.27 27.24 -12.27
N ASN A 682 -18.41 26.26 -11.39
CA ASN A 682 -19.14 26.45 -10.14
C ASN A 682 -18.60 25.51 -9.06
N ASP A 683 -17.90 26.08 -8.09
CA ASP A 683 -17.36 25.26 -7.02
C ASP A 683 -18.34 25.06 -5.88
N LYS A 684 -19.63 25.13 -6.19
CA LYS A 684 -20.66 24.90 -5.20
C LYS A 684 -20.64 23.39 -5.00
N TRP A 685 -20.80 22.69 -6.11
CA TRP A 685 -20.81 21.24 -6.13
C TRP A 685 -19.53 20.67 -5.51
N LEU A 686 -18.42 21.37 -5.70
CA LEU A 686 -17.15 20.91 -5.18
C LEU A 686 -17.08 21.01 -3.66
N LYS A 687 -17.76 22.02 -3.12
CA LYS A 687 -17.81 22.21 -1.67
C LYS A 687 -18.58 21.03 -1.09
N PHE A 688 -19.67 20.67 -1.75
CA PHE A 688 -20.51 19.54 -1.34
C PHE A 688 -19.70 18.25 -1.39
N SER A 689 -18.92 18.07 -2.47
CA SER A 689 -18.09 16.88 -2.62
C SER A 689 -17.05 16.79 -1.50
N CYS A 690 -16.36 17.91 -1.28
CA CYS A 690 -15.34 17.99 -0.25
C CYS A 690 -15.95 17.62 1.11
N TRP A 691 -17.10 18.22 1.45
CA TRP A 691 -17.79 17.92 2.71
C TRP A 691 -18.19 16.46 2.81
N MET A 692 -18.77 15.94 1.72
CA MET A 692 -19.22 14.56 1.69
C MET A 692 -18.07 13.56 1.73
N LEU A 693 -16.96 13.88 1.02
CA LEU A 693 -15.81 12.97 1.01
C LEU A 693 -15.17 12.91 2.40
N ASN A 694 -14.92 14.08 2.99
CA ASN A 694 -14.32 14.15 4.32
C ASN A 694 -15.18 13.49 5.41
N ILE A 695 -16.47 13.80 5.44
CA ILE A 695 -17.33 13.24 6.47
C ILE A 695 -17.47 11.74 6.34
N GLY A 696 -17.62 11.28 5.12
CA GLY A 696 -17.76 9.86 4.90
C GLY A 696 -16.50 9.10 5.28
N LEU A 697 -15.34 9.67 4.95
CA LEU A 697 -14.08 9.01 5.27
C LEU A 697 -13.97 8.89 6.78
N ALA A 698 -14.13 10.00 7.49
CA ALA A 698 -14.05 9.98 8.96
C ALA A 698 -15.10 9.03 9.54
N GLY A 699 -16.30 9.05 8.95
CA GLY A 699 -17.36 8.19 9.43
C GLY A 699 -17.11 6.70 9.37
N MET A 700 -16.53 6.25 8.27
CA MET A 700 -16.25 4.82 8.13
C MET A 700 -15.09 4.39 9.01
N VAL A 701 -14.14 5.30 9.24
CA VAL A 701 -13.01 5.01 10.10
C VAL A 701 -13.46 4.97 11.57
N VAL A 702 -14.11 6.04 12.02
CA VAL A 702 -14.59 6.16 13.40
C VAL A 702 -15.77 5.27 13.83
N ILE A 703 -16.77 5.18 12.97
CA ILE A 703 -17.98 4.40 13.27
C ILE A 703 -17.86 2.89 13.12
N THR A 704 -16.95 2.44 12.27
CA THR A 704 -16.79 1.00 12.01
C THR A 704 -15.37 0.42 12.13
N LEU A 705 -14.48 0.79 11.21
CA LEU A 705 -13.13 0.25 11.26
C LEU A 705 -12.42 0.34 12.63
N LEU A 706 -12.51 1.50 13.29
CA LEU A 706 -11.87 1.67 14.59
C LEU A 706 -12.44 0.72 15.66
N PRO A 707 -13.76 0.79 15.94
CA PRO A 707 -14.30 -0.12 16.96
C PRO A 707 -14.14 -1.62 16.68
N VAL A 708 -14.27 -2.03 15.43
CA VAL A 708 -14.06 -3.45 15.13
C VAL A 708 -12.58 -3.78 15.40
N GLY A 709 -11.68 -2.85 15.03
CA GLY A 709 -10.27 -3.06 15.24
C GLY A 709 -9.93 -3.30 16.70
N ILE A 710 -10.56 -2.57 17.60
CA ILE A 710 -10.30 -2.73 19.03
C ILE A 710 -10.75 -4.08 19.54
N LEU A 711 -11.91 -4.54 19.06
CA LEU A 711 -12.47 -5.84 19.46
C LEU A 711 -11.56 -6.94 18.98
N GLN A 712 -11.13 -6.81 17.73
CA GLN A 712 -10.26 -7.81 17.11
C GLN A 712 -8.89 -7.89 17.80
N MET A 713 -8.38 -6.75 18.27
CA MET A 713 -7.09 -6.75 18.97
C MET A 713 -7.27 -7.36 20.36
N LYS A 714 -8.40 -7.04 21.00
CA LYS A 714 -8.74 -7.57 22.32
C LYS A 714 -8.91 -9.09 22.25
N GLU A 715 -9.62 -9.52 21.20
CA GLU A 715 -9.90 -10.92 20.94
C GLU A 715 -8.61 -11.71 20.75
N ALA A 716 -7.62 -11.10 20.10
CA ALA A 716 -6.36 -11.82 19.89
C ALA A 716 -5.59 -11.91 21.20
N PHE A 717 -5.57 -10.81 21.94
CA PHE A 717 -4.87 -10.74 23.21
C PHE A 717 -5.36 -11.81 24.18
N ILE A 718 -6.66 -12.09 24.18
CA ILE A 718 -7.18 -13.07 25.13
C ILE A 718 -7.30 -14.52 24.68
N HIS A 719 -7.47 -14.75 23.39
CA HIS A 719 -7.64 -16.12 22.89
C HIS A 719 -6.59 -16.62 21.89
N GLY A 720 -5.78 -15.70 21.36
CA GLY A 720 -4.79 -16.05 20.38
C GLY A 720 -5.13 -15.36 19.08
N TYR A 721 -4.12 -14.97 18.32
CA TYR A 721 -4.36 -14.28 17.06
C TYR A 721 -5.22 -15.10 16.10
N TRP A 722 -5.15 -16.43 16.19
CA TRP A 722 -5.95 -17.26 15.28
C TRP A 722 -7.44 -16.99 15.47
N ALA A 723 -7.85 -16.79 16.72
CA ALA A 723 -9.24 -16.53 17.05
C ALA A 723 -9.77 -15.22 16.48
N SER A 724 -8.90 -14.23 16.34
CA SER A 724 -9.29 -12.91 15.83
C SER A 724 -9.43 -12.91 14.32
N ARG A 725 -8.84 -13.91 13.71
CA ARG A 725 -8.82 -14.02 12.26
C ARG A 725 -9.71 -15.07 11.68
N SER A 726 -10.48 -15.70 12.55
CA SER A 726 -11.40 -16.73 12.11
C SER A 726 -12.68 -16.02 11.71
N PRO A 727 -13.44 -16.61 10.77
CA PRO A 727 -14.71 -16.03 10.31
C PRO A 727 -15.65 -15.91 11.50
N SER A 728 -15.41 -16.74 12.50
CA SER A 728 -16.21 -16.74 13.71
C SER A 728 -16.24 -15.36 14.35
N PHE A 729 -15.11 -14.65 14.30
CA PHE A 729 -15.00 -13.30 14.87
C PHE A 729 -15.91 -12.35 14.11
N LEU A 730 -15.87 -12.43 12.78
CA LEU A 730 -16.68 -11.55 11.97
C LEU A 730 -18.16 -11.83 12.15
N GLN A 731 -18.48 -13.01 12.65
CA GLN A 731 -19.88 -13.41 12.85
C GLN A 731 -20.53 -12.92 14.14
N GLN A 732 -19.74 -12.54 15.12
CA GLN A 732 -20.33 -12.05 16.36
C GLN A 732 -21.27 -10.91 16.00
N ASP A 733 -22.43 -10.89 16.64
CA ASP A 733 -23.43 -9.87 16.40
C ASP A 733 -22.85 -8.47 16.52
N VAL A 734 -22.06 -8.25 17.58
CA VAL A 734 -21.49 -6.94 17.81
C VAL A 734 -20.66 -6.51 16.61
N VAL A 735 -19.86 -7.44 16.09
CA VAL A 735 -19.04 -7.15 14.93
C VAL A 735 -19.95 -6.81 13.76
N GLN A 736 -20.90 -7.69 13.48
CA GLN A 736 -21.84 -7.49 12.37
C GLN A 736 -22.58 -6.16 12.42
N ASN A 737 -23.08 -5.75 13.59
CA ASN A 737 -23.80 -4.48 13.65
C ASN A 737 -22.87 -3.33 13.30
N LEU A 738 -21.67 -3.39 13.87
CA LEU A 738 -20.64 -2.40 13.63
C LEU A 738 -20.40 -2.41 12.12
N LEU A 739 -20.30 -3.61 11.54
CA LEU A 739 -20.07 -3.75 10.10
C LEU A 739 -21.24 -3.22 9.27
N LEU A 740 -22.46 -3.53 9.70
CA LEU A 740 -23.68 -3.10 9.01
C LEU A 740 -23.85 -1.56 8.89
N VAL A 741 -23.56 -0.82 9.96
CA VAL A 741 -23.75 0.64 9.95
C VAL A 741 -22.73 1.41 9.17
N ARG A 742 -21.87 0.68 8.54
CA ARG A 742 -20.83 1.34 7.75
C ARG A 742 -21.47 1.88 6.50
N ALA A 743 -22.61 1.32 6.17
CA ALA A 743 -23.31 1.74 4.97
C ALA A 743 -23.69 3.20 5.04
N VAL A 744 -24.00 3.74 6.22
CA VAL A 744 -24.34 5.15 6.27
C VAL A 744 -23.18 5.97 5.70
N PRO A 745 -22.04 6.06 6.43
CA PRO A 745 -20.91 6.84 5.92
C PRO A 745 -20.35 6.38 4.56
N ASP A 746 -20.48 5.09 4.23
CA ASP A 746 -19.97 4.63 2.93
C ASP A 746 -20.80 5.22 1.81
N THR A 747 -22.08 5.43 2.09
CA THR A 747 -23.01 5.98 1.13
C THR A 747 -22.70 7.47 1.02
N ILE A 748 -22.52 8.11 2.16
CA ILE A 748 -22.20 9.53 2.20
C ILE A 748 -20.92 9.79 1.40
N PHE A 749 -19.95 8.89 1.55
CA PHE A 749 -18.70 9.02 0.81
C PHE A 749 -19.01 8.83 -0.68
N LEU A 750 -19.75 7.78 -0.98
CA LEU A 750 -20.13 7.48 -2.34
C LEU A 750 -20.78 8.70 -2.99
N ILE A 751 -21.66 9.37 -2.26
CA ILE A 751 -22.34 10.54 -2.80
C ILE A 751 -21.33 11.61 -3.19
N GLY A 752 -20.34 11.81 -2.33
CA GLY A 752 -19.32 12.81 -2.61
C GLY A 752 -18.55 12.50 -3.88
N VAL A 753 -18.27 11.23 -4.11
CA VAL A 753 -17.52 10.90 -5.29
C VAL A 753 -18.35 11.02 -6.56
N VAL A 754 -19.66 10.71 -6.52
CA VAL A 754 -20.46 10.86 -7.75
C VAL A 754 -20.60 12.34 -8.10
N ALA A 755 -20.75 13.17 -7.08
CA ALA A 755 -20.87 14.60 -7.33
C ALA A 755 -19.62 15.03 -8.11
N LEU A 756 -18.48 14.51 -7.72
CA LEU A 756 -17.22 14.84 -8.38
C LEU A 756 -17.28 14.32 -9.81
N LEU A 757 -17.67 13.06 -9.96
CA LEU A 757 -17.78 12.44 -11.29
C LEU A 757 -18.69 13.27 -12.18
N VAL A 758 -19.88 13.57 -11.67
CA VAL A 758 -20.85 14.37 -12.42
C VAL A 758 -20.28 15.72 -12.81
N PHE A 759 -19.43 16.29 -11.96
CA PHE A 759 -18.81 17.59 -12.25
C PHE A 759 -17.69 17.39 -13.29
N ALA A 760 -17.01 16.26 -13.22
CA ALA A 760 -15.94 16.01 -14.17
C ALA A 760 -16.53 15.77 -15.55
N ILE A 761 -17.50 14.85 -15.64
CA ILE A 761 -18.10 14.54 -16.94
C ILE A 761 -18.70 15.75 -17.62
N LYS A 762 -19.69 16.38 -16.97
CA LYS A 762 -20.30 17.53 -17.59
C LYS A 762 -19.39 18.73 -17.48
N ALA A 763 -18.12 18.52 -17.81
CA ALA A 763 -17.14 19.59 -17.77
C ALA A 763 -16.53 19.60 -19.16
N LEU A 764 -16.65 18.48 -19.87
CA LEU A 764 -16.12 18.39 -21.23
C LEU A 764 -17.03 19.26 -22.11
N PHE A 765 -18.24 19.51 -21.63
CA PHE A 765 -19.21 20.31 -22.38
C PHE A 765 -18.96 21.82 -22.27
N HIS A 766 -17.91 22.22 -21.57
CA HIS A 766 -17.64 23.65 -21.46
C HIS A 766 -16.15 23.92 -21.52
N LEU A 767 -15.43 23.09 -22.27
CA LEU A 767 -13.99 23.23 -22.40
C LEU A 767 -13.57 24.37 -23.32
N ARG A 768 -12.39 24.93 -23.09
CA ARG A 768 -11.90 25.99 -23.99
C ARG A 768 -11.04 25.28 -25.00
N LYS A 769 -10.53 26.03 -25.96
CA LYS A 769 -9.67 25.40 -26.93
C LYS A 769 -8.32 26.08 -26.91
N PRO A 770 -7.26 25.32 -27.21
CA PRO A 770 -5.90 25.86 -27.22
C PRO A 770 -5.73 27.26 -27.77
N THR A 771 -4.94 28.05 -27.06
CA THR A 771 -4.67 29.43 -27.44
C THR A 771 -3.48 29.43 -28.38
N HIS A 772 -2.39 28.78 -27.93
CA HIS A 772 -1.18 28.68 -28.73
C HIS A 772 -0.95 27.24 -29.19
N GLY A 773 -0.25 27.08 -30.31
CA GLY A 773 0.05 25.76 -30.81
C GLY A 773 1.50 25.49 -30.44
N GLU A 774 2.35 25.23 -31.43
CA GLU A 774 3.77 24.99 -31.16
C GLU A 774 4.46 26.35 -31.04
N GLY A 775 3.68 27.36 -30.62
CA GLY A 775 4.16 28.72 -30.48
C GLY A 775 4.97 29.08 -29.24
N GLU A 776 4.77 30.30 -28.75
CA GLU A 776 5.52 30.79 -27.59
C GLU A 776 4.69 31.63 -26.60
N GLU A 777 4.71 31.24 -25.32
CA GLU A 777 3.95 31.92 -24.25
C GLU A 777 4.56 33.21 -23.75
CHA HEM B . -9.47 -1.95 1.62
CHB HEM B . -14.06 -0.59 1.61
CHC HEM B . -12.84 3.68 -0.44
CHD HEM B . -8.16 2.40 -0.35
C1A HEM B . -10.85 -2.01 1.77
C2A HEM B . -11.63 -3.16 2.29
C3A HEM B . -12.92 -2.72 2.29
C4A HEM B . -12.93 -1.36 1.76
CMA HEM B . -14.14 -3.51 2.76
CAA HEM B . -11.17 -4.56 2.75
CBA HEM B . -9.78 -4.79 3.31
CGA HEM B . -9.62 -6.29 3.65
O1A HEM B . -10.45 -6.86 4.40
O2A HEM B . -8.66 -6.89 3.15
C1B HEM B . -14.12 0.72 1.08
C2B HEM B . -15.35 1.49 0.97
C3B HEM B . -15.02 2.72 0.38
C4B HEM B . -13.59 2.64 0.14
CMB HEM B . -16.73 0.99 1.44
CAB HEM B . -15.92 3.82 0.08
CBB HEM B . -17.27 3.76 -0.35
C1C HEM B . -11.45 3.71 -0.64
C2C HEM B . -10.75 4.83 -1.25
C3C HEM B . -9.41 4.51 -1.24
C4C HEM B . -9.33 3.17 -0.60
CMC HEM B . -11.40 6.11 -1.79
CAC HEM B . -8.35 5.33 -1.72
CBC HEM B . -8.10 5.62 -3.05
C1D HEM B . -8.11 1.10 0.25
C2D HEM B . -6.90 0.35 0.55
C3D HEM B . -7.27 -0.86 1.10
C4D HEM B . -8.71 -0.86 1.13
CMD HEM B . -5.47 0.82 0.31
CAD HEM B . -6.33 -1.98 1.60
CBD HEM B . -5.99 -1.81 3.09
CGD HEM B . -5.81 -3.12 3.88
O1D HEM B . -5.53 -3.06 5.09
O2D HEM B . -5.94 -4.20 3.28
NA HEM B . -11.67 -0.95 1.45
NB HEM B . -13.04 1.42 0.58
NC HEM B . -10.59 2.72 -0.27
ND HEM B . -9.22 0.34 0.62
FE HEM B . -11.07 0.78 0.46
CHA HEM C . -0.09 0.06 6.96
CHB HEM C . -0.86 3.77 3.98
CHC HEM C . 1.84 6.72 6.83
CHD HEM C . 2.47 3.05 9.96
C1A HEM C . -0.59 0.83 5.89
C2A HEM C . -1.48 0.35 4.83
C3A HEM C . -1.70 1.39 4.01
C4A HEM C . -0.94 2.51 4.55
CMA HEM C . -2.58 1.41 2.75
CAA HEM C . -2.03 -1.04 4.68
CBA HEM C . -0.98 -1.97 4.04
CGA HEM C . -1.55 -3.37 3.86
O1A HEM C . -1.04 -4.35 4.49
O2A HEM C . -2.53 -3.46 3.09
C1B HEM C . -0.14 4.87 4.48
C2B HEM C . -0.09 6.14 3.80
C3B HEM C . 0.68 7.02 4.57
C4B HEM C . 1.08 6.22 5.74
CMB HEM C . -0.80 6.43 2.45
CAB HEM C . 1.00 8.40 4.29
CBB HEM C . 0.18 9.38 3.69
C1C HEM C . 2.23 6.00 7.99
C2C HEM C . 2.95 6.57 9.11
C3C HEM C . 3.13 5.58 10.02
C4C HEM C . 2.51 4.37 9.41
CMC HEM C . 3.41 8.04 9.25
CAC HEM C . 3.79 5.69 11.26
CBC HEM C . 3.14 5.84 12.46
C1D HEM C . 1.85 1.89 9.37
C2D HEM C . 1.93 0.55 9.93
C3D HEM C . 1.24 -0.31 9.10
C4D HEM C . 0.72 0.53 8.02
CMD HEM C . 2.65 0.15 11.22
CAD HEM C . 1.10 -1.85 9.31
CBD HEM C . -0.19 -2.44 9.82
CGD HEM C . -0.08 -3.97 10.06
O1D HEM C . -1.09 -4.55 10.47
O2D HEM C . 1.01 -4.56 9.82
NA HEM C . -0.29 2.16 5.70
NB HEM C . 0.57 4.90 5.66
NC HEM C . 1.96 4.68 8.19
ND HEM C . 1.11 1.87 8.19
FE HEM C . 0.84 3.38 6.92
ZN ZN D . 4.98 2.02 5.88
CA CA E . -3.66 -5.75 3.64
C1 BOG F . -25.15 17.48 -19.69
O1 BOG F . -24.28 16.57 -18.99
C2 BOG F . -24.25 18.52 -20.42
O2 BOG F . -23.43 19.24 -19.48
C3 BOG F . -25.13 19.52 -21.20
O3 BOG F . -24.33 20.49 -21.88
C4 BOG F . -26.00 18.73 -22.20
O4 BOG F . -26.84 19.64 -22.94
C5 BOG F . -26.84 17.68 -21.41
O5 BOG F . -25.97 16.77 -20.67
C6 BOG F . -27.70 16.88 -22.41
O6 BOG F . -28.47 15.91 -21.68
C1' BOG F . -25.01 15.55 -18.28
C2' BOG F . -23.97 14.69 -17.60
C3' BOG F . -24.59 13.55 -16.77
C4' BOG F . -23.47 12.73 -16.13
C5' BOG F . -24.01 11.74 -15.42
C6' BOG F . -22.93 10.87 -14.72
C7' BOG F . -23.65 9.76 -13.92
C8' BOG F . -22.66 8.85 -13.21
C1 BOG G . 22.05 28.74 6.10
O1 BOG G . 21.90 27.33 5.76
C2 BOG G . 23.10 29.37 5.12
O2 BOG G . 24.35 28.68 5.25
C3 BOG G . 23.28 30.86 5.47
O3 BOG G . 24.24 31.47 4.59
C4 BOG G . 21.91 31.57 5.34
O4 BOG G . 22.04 32.97 5.64
C5 BOG G . 20.89 30.88 6.29
O5 BOG G . 20.76 29.45 5.96
C6 BOG G . 19.52 31.59 6.16
O6 BOG G . 18.56 30.99 7.05
C1' BOG G . 20.99 26.67 6.67
C2' BOG G . 20.88 25.20 6.32
C3' BOG G . 19.92 24.47 7.28
C4' BOG G . 19.82 23.00 6.93
C5' BOG G . 19.00 22.39 7.76
C6' BOG G . 18.86 20.90 7.42
C7' BOG G . 17.90 20.22 8.41
C8' BOG G . 17.72 18.73 8.11
C1 BOG H . 23.81 -6.87 13.41
O1 BOG H . 23.53 -5.84 14.40
C2 BOG H . 24.81 -7.89 14.04
O2 BOG H . 26.02 -7.24 14.42
C3 BOG H . 25.10 -8.99 13.00
O3 BOG H . 26.01 -9.95 13.54
C4 BOG H . 23.80 -9.66 12.60
O4 BOG H . 24.06 -10.68 11.62
C5 BOG H . 22.82 -8.61 12.05
O5 BOG H . 22.57 -7.56 13.04
C6 BOG H . 21.52 -9.31 11.68
O6 BOG H . 20.61 -8.37 11.15
C1' BOG H . 22.62 -4.85 13.85
C2' BOG H . 22.33 -3.81 14.93
C3' BOG H . 21.35 -2.73 14.44
C4' BOG H . 21.04 -1.73 15.55
C5' BOG H . 20.19 -0.81 15.12
C6' BOG H . 19.84 0.21 16.22
C7' BOG H . 18.85 1.23 15.63
C8' BOG H . 18.46 2.28 16.67
N1 LOP I . 24.32 27.45 -8.63
C1 LOP I . 23.91 26.05 -8.79
C2 LOP I . 25.12 25.18 -9.11
O1 LOP I . 24.73 23.81 -9.23
P1 LOP I . 24.06 23.04 -7.97
O2 LOP I . 25.19 22.04 -7.38
O3 LOP I . 22.93 22.10 -8.60
O4 LOP I . 23.54 23.96 -6.94
C3 LOP I . 24.82 21.06 -6.40
C4 LOP I . 23.68 20.17 -6.91
C5 LOP I . 24.14 19.46 -8.16
O5 LOP I . 23.31 19.20 -5.91
O6 LOP I . 23.18 18.43 -8.50
C6 LOP I . 22.04 18.78 -6.17
O7 LOP I . 21.41 19.29 -7.10
C7 LOP I . 21.40 17.68 -5.34
C8 LOP I . 19.89 17.65 -5.56
C9 LOP I . 19.32 16.28 -5.19
C10 LOP I . 17.79 16.25 -5.37
C11 LOP I . 17.30 14.81 -5.27
C12 LOP I . 15.78 14.73 -5.17
C13 LOP I . 15.34 13.27 -5.12
C14 LOP I . 13.99 13.14 -4.82
C15 LOP I . 13.40 11.88 -4.89
C16 LOP I . 14.16 10.78 -5.28
C17 LOP I . 14.78 10.04 -4.09
C18 LOP I . 15.67 8.92 -4.60
C19 LOP I . 16.30 8.08 -3.48
C20 LOP I . 15.24 7.34 -2.65
C21 LOP I . 15.87 6.22 -1.83
C22 LOP I . 16.52 5.17 -2.75
C23 LOP I . 17.05 3.98 -1.95
C24 LOP I . 23.57 17.76 -9.62
O8 LOP I . 24.57 18.12 -10.24
C25 LOP I . 22.74 16.56 -10.08
C26 LOP I . 22.75 15.48 -8.99
C27 LOP I . 21.37 15.36 -8.32
C28 LOP I . 20.34 14.75 -9.27
C29 LOP I . 20.89 13.47 -9.90
C30 LOP I . 19.75 12.60 -10.46
C31 LOP I . 18.95 12.00 -9.31
C32 LOP I . 17.80 11.12 -9.80
C33 LOP I . 17.17 10.37 -8.61
C34 LOP I . 15.89 9.62 -8.98
C35 LOP I . 16.17 8.32 -9.75
N1 LOP J . -12.47 26.50 8.20
C1 LOP J . -13.70 27.17 8.67
C2 LOP J . -13.71 28.63 8.22
O1 LOP J . -14.46 28.80 7.01
P1 LOP J . -16.01 29.25 7.06
O2 LOP J . -16.59 29.02 5.58
O3 LOP J . -16.00 30.84 7.28
O4 LOP J . -16.78 28.54 8.10
C3 LOP J . -15.69 28.98 4.46
C4 LOP J . -14.95 27.65 4.41
C5 LOP J . -15.59 26.63 3.48
O5 LOP J . -13.58 27.82 3.99
O6 LOP J . -14.70 25.50 3.44
C6 LOP J . -12.84 26.79 4.47
O7 LOP J . -13.36 25.96 5.21
C7 LOP J . -11.36 26.68 4.13
C8 LOP J . -10.63 25.82 5.15
C9 LOP J . -11.22 24.40 5.22
C10 LOP J . -11.03 23.67 3.88
C11 LOP J . -11.59 22.24 4.01
C12 LOP J . -10.96 21.56 5.23
C13 LOP J . -11.58 20.18 5.46
C14 LOP J . -11.15 19.69 6.69
C15 LOP J . -11.15 18.32 6.92
C16 LOP J . -10.74 17.85 8.16
C17 LOP J . -10.56 16.34 8.15
C18 LOP J . -10.86 15.83 9.57
C19 LOP J . -10.64 14.33 9.70
C20 LOP J . -11.12 13.89 11.09
C21 LOP J . -10.90 12.40 11.33
C22 LOP J . -11.50 12.01 12.68
C23 LOP J . -11.33 10.50 12.93
C24 LOP J . -15.18 24.48 2.67
O8 LOP J . -16.26 24.59 2.10
C25 LOP J . -14.33 23.21 2.52
C26 LOP J . -15.08 21.98 3.02
C27 LOP J . -15.00 21.81 4.54
C28 LOP J . -15.68 20.51 4.96
C29 LOP J . -15.01 19.90 6.21
C30 LOP J . -15.62 18.56 6.57
C31 LOP J . -14.65 17.78 7.47
C32 LOP J . -15.34 17.15 8.67
C33 LOP J . -14.28 16.50 9.59
C34 LOP J . -14.89 15.97 10.88
C35 LOP J . -15.88 14.83 10.62
C1 HQO K . -21.89 -0.36 1.75
O1 HQO K . -20.88 0.54 1.87
C2 HQO K . -22.67 -0.37 0.60
C3 HQO K . -23.67 -1.32 0.45
N1 HQO K . -23.89 -2.29 1.45
O4 HQO K . -24.87 -3.24 1.29
C5 HQO K . -23.10 -2.26 2.60
C6 HQO K . -23.32 -3.21 3.60
C7 HQO K . -22.55 -3.18 4.77
C8 HQO K . -21.56 -2.21 4.92
C9 HQO K . -21.34 -1.27 3.92
C10 HQO K . -22.11 -1.30 2.76
C11 HQO K . -24.45 -1.39 -0.86
C12 HQO K . -23.94 -2.40 -3.11
C13 HQO K . -24.07 -2.66 -1.61
C14 HQO K . -22.47 -2.40 -3.55
C15 HQO K . -22.38 -2.14 -5.05
C16 HQO K . -21.69 -3.29 -5.77
C17 HQO K . -21.73 -3.09 -7.29
#